data_2EPN
#
_entry.id   2EPN
#
_cell.length_a   107.574
_cell.length_b   112.332
_cell.length_c   103.127
_cell.angle_alpha   90.00
_cell.angle_beta   90.00
_cell.angle_gamma   90.00
#
_symmetry.space_group_name_H-M   'P 21 21 2'
#
loop_
_entity.id
_entity.type
_entity.pdbx_description
1 polymer N-acetyl-beta-D-glucosaminidase
2 non-polymer 3AR,5R,6S,7R,7AR-5-HYDROXYMETHYL-2-METHYL-5,6,7,7A-TETRAHYDRO-3AH-PYRANO[3,2-D]THIAZOLE-6,7-DIOL
3 water water
#
_entity_poly.entity_id   1
_entity_poly.type   'polypeptide(L)'
_entity_poly.pdbx_seq_one_letter_code
;MATFLGLSSKQEKALVRLDKYLNLGEIAVSLVTDSATSIKVEGRQGYYQVSYKQPHQLYRALALLSAALRSGQDEVQIEE
EAAYEDLAYMADCSRNAVLNLSSAKKMIEVLALMGYSTFELYMEDTYEIENQPYFGYFRGRYTVAELQEIEDYAADFDMS
FVPCIQTLAHLSAFVKWGIKEVQELRDVEDILLIGEEKVYDLIEGMFQTMAHLHTRKINIGMDEAHLVGLGRYLIKHGFQ
NRSLLMCQHLERVLDIADKYGFNCQMWSDMFFKLMSADGQYDRDVEIPEETRVYLDRLKERVTLVYWDYYQDSEEKYNRN
FQNHHKISQDIAFAGGAWKWIGFTPHNHFSRLVAIEANKACRKNQVKEVIVTGWGDNGGETSQFSVLPALQIWAELAYRN
DLKKVSEHFLVSTGLDFDDFMKIDLANLLPDLPDNLSGINPNRYVLYQDVLCPLLEQHIRPEKDKQHFASSAQQLGEISK
RAGEYAYIFETQAQLNALLALKISITSGIQKAYRNGDKEHLSALAEKDFPQLYQMVEDFSDQFSRQWQQENKIFGLDTID
IRFGGLLKRIKRAQERLEQFISGQIDCVEELEQEILPFNDFYKDQGLTATTANQWHLIATASTIYTT
;
_entity_poly.pdbx_strand_id   A,B
#
# COMPACT_ATOMS: atom_id res chain seq x y z
N ALA A 2 -0.14 49.44 26.39
CA ALA A 2 -0.52 49.12 27.79
C ALA A 2 0.68 49.15 28.72
N THR A 3 0.43 49.51 29.96
CA THR A 3 1.43 49.41 31.01
C THR A 3 1.00 48.38 32.05
N PHE A 4 1.99 47.80 32.73
CA PHE A 4 1.78 46.65 33.57
C PHE A 4 2.43 46.84 34.95
N LEU A 5 1.72 46.37 35.97
CA LEU A 5 2.30 46.13 37.29
C LEU A 5 2.20 44.65 37.61
N GLY A 6 3.26 44.10 38.18
CA GLY A 6 3.21 42.78 38.77
C GLY A 6 3.71 41.69 37.86
N LEU A 7 4.23 42.06 36.71
CA LEU A 7 4.81 41.10 35.75
C LEU A 7 6.22 40.73 36.16
N SER A 8 6.56 39.48 35.97
CA SER A 8 7.94 39.03 36.06
C SER A 8 8.66 39.30 34.75
N SER A 9 9.99 39.21 34.74
CA SER A 9 10.71 39.41 33.48
C SER A 9 10.37 38.34 32.45
N LYS A 10 10.15 37.12 32.93
CA LYS A 10 9.73 36.01 32.05
C LYS A 10 8.41 36.37 31.35
N GLN A 11 7.45 36.86 32.14
CA GLN A 11 6.15 37.23 31.59
C GLN A 11 6.25 38.43 30.64
N GLU A 12 7.08 39.41 30.98
CA GLU A 12 7.43 40.47 30.04
C GLU A 12 7.84 39.93 28.67
N LYS A 13 8.74 38.95 28.68
CA LYS A 13 9.27 38.35 27.45
C LYS A 13 8.12 37.70 26.65
N ALA A 14 7.24 37.00 27.35
CA ALA A 14 6.11 36.35 26.67
C ALA A 14 5.16 37.38 26.10
N LEU A 15 4.89 38.45 26.85
CA LEU A 15 4.01 39.49 26.33
C LEU A 15 4.57 40.17 25.08
N VAL A 16 5.88 40.34 24.98
CA VAL A 16 6.48 40.91 23.77
C VAL A 16 6.11 40.04 22.56
N ARG A 17 6.17 38.72 22.75
CA ARG A 17 5.87 37.78 21.69
C ARG A 17 4.39 37.72 21.33
N LEU A 18 3.51 38.03 22.28
CA LEU A 18 2.06 37.98 22.02
C LEU A 18 1.42 39.33 21.69
N ASP A 19 2.20 40.40 21.77
CA ASP A 19 1.70 41.75 21.50
C ASP A 19 0.96 41.86 20.16
N LYS A 20 1.47 41.17 19.15
CA LYS A 20 0.87 41.22 17.81
C LYS A 20 -0.55 40.64 17.79
N TYR A 21 -0.85 39.75 18.73
CA TYR A 21 -2.23 39.21 18.90
C TYR A 21 -3.06 40.12 19.80
N LEU A 22 -2.46 40.57 20.90
CA LEU A 22 -3.19 41.26 21.95
C LEU A 22 -3.47 42.72 21.68
N ASN A 23 -2.48 43.45 21.16
CA ASN A 23 -2.65 44.87 20.83
C ASN A 23 -3.44 45.62 21.90
N LEU A 24 -2.95 45.62 23.14
CA LEU A 24 -3.75 46.09 24.29
C LEU A 24 -4.09 47.59 24.41
N GLY A 25 -3.42 48.43 23.64
CA GLY A 25 -3.74 49.86 23.72
C GLY A 25 -3.39 50.54 25.04
N GLU A 26 -3.97 51.72 25.25
CA GLU A 26 -3.53 52.58 26.34
C GLU A 26 -4.32 52.31 27.61
N ILE A 27 -3.99 51.18 28.23
CA ILE A 27 -4.64 50.76 29.47
C ILE A 27 -3.57 50.43 30.49
N ALA A 28 -3.96 50.36 31.75
CA ALA A 28 -3.04 49.93 32.80
C ALA A 28 -3.57 48.61 33.36
N VAL A 29 -2.72 47.58 33.34
CA VAL A 29 -3.09 46.26 33.81
C VAL A 29 -2.27 45.90 35.03
N SER A 30 -2.94 45.47 36.09
CA SER A 30 -2.30 44.99 37.32
C SER A 30 -2.51 43.50 37.43
N LEU A 31 -1.43 42.74 37.56
CA LEU A 31 -1.53 41.31 37.86
C LEU A 31 -1.54 41.12 39.37
N VAL A 32 -2.59 40.49 39.88
CA VAL A 32 -2.66 40.17 41.31
C VAL A 32 -2.78 38.66 41.51
N ALA A 36 -7.96 32.32 43.67
CA ALA A 36 -9.24 31.68 43.98
C ALA A 36 -9.77 30.93 42.76
N THR A 37 -9.71 31.55 41.59
CA THR A 37 -10.29 30.98 40.39
C THR A 37 -9.27 31.00 39.26
N SER A 38 -9.52 30.15 38.26
CA SER A 38 -8.58 30.00 37.19
C SER A 38 -8.20 31.33 36.54
N ILE A 39 -9.22 32.14 36.25
CA ILE A 39 -8.99 33.44 35.60
C ILE A 39 -10.00 34.44 36.14
N LYS A 40 -9.53 35.63 36.45
CA LYS A 40 -10.41 36.76 36.70
C LYS A 40 -9.84 37.98 36.01
N VAL A 41 -10.72 38.72 35.34
CA VAL A 41 -10.36 39.99 34.72
C VAL A 41 -11.45 40.97 35.13
N GLU A 42 -11.05 42.08 35.74
CA GLU A 42 -12.04 43.09 36.13
C GLU A 42 -11.49 44.50 36.06
N GLY A 43 -12.33 45.40 35.57
CA GLY A 43 -11.96 46.81 35.50
C GLY A 43 -12.84 47.63 34.56
N ARG A 44 -12.43 48.88 34.37
CA ARG A 44 -13.16 49.84 33.54
C ARG A 44 -12.31 51.10 33.42
N GLN A 45 -12.66 51.96 32.48
CA GLN A 45 -12.04 53.27 32.35
C GLN A 45 -10.49 53.22 32.33
N GLY A 46 -9.95 52.22 31.66
CA GLY A 46 -8.51 52.16 31.43
C GLY A 46 -7.67 51.41 32.46
N TYR A 47 -8.31 50.88 33.50
CA TYR A 47 -7.60 50.17 34.57
C TYR A 47 -8.21 48.79 34.75
N TYR A 48 -7.38 47.75 34.63
CA TYR A 48 -7.84 46.37 34.72
C TYR A 48 -6.95 45.56 35.63
N GLN A 49 -7.55 44.66 36.40
CA GLN A 49 -6.81 43.77 37.28
C GLN A 49 -7.02 42.37 36.72
N VAL A 50 -5.92 41.64 36.54
CA VAL A 50 -5.98 40.27 36.04
C VAL A 50 -5.40 39.33 37.09
N SER A 51 -6.03 38.18 37.26
CA SER A 51 -5.41 37.17 38.10
C SER A 51 -5.58 35.82 37.45
N TYR A 52 -4.72 34.90 37.87
CA TYR A 52 -4.66 33.58 37.25
C TYR A 52 -4.24 32.60 38.32
N LYS A 53 -4.68 31.35 38.20
CA LYS A 53 -4.31 30.30 39.11
C LYS A 53 -3.01 29.63 38.69
N GLN A 54 -2.95 29.10 37.47
CA GLN A 54 -1.69 28.53 36.94
C GLN A 54 -0.99 29.58 36.10
N PRO A 55 0.35 29.62 36.15
CA PRO A 55 1.02 30.69 35.42
C PRO A 55 0.65 30.83 33.93
N HIS A 56 0.47 29.72 33.21
CA HIS A 56 0.14 29.82 31.78
C HIS A 56 -1.19 30.50 31.58
N GLN A 57 -2.05 30.47 32.59
CA GLN A 57 -3.39 31.07 32.46
C GLN A 57 -3.38 32.60 32.32
N LEU A 58 -2.23 33.22 32.60
CA LEU A 58 -2.05 34.65 32.33
C LEU A 58 -2.38 34.99 30.90
N TYR A 59 -1.99 34.09 30.00
CA TYR A 59 -2.06 34.35 28.56
C TYR A 59 -3.47 34.24 28.05
N ARG A 60 -4.26 33.29 28.59
CA ARG A 60 -5.71 33.33 28.29
C ARG A 60 -6.38 34.56 28.95
N ALA A 61 -6.03 34.88 30.18
CA ALA A 61 -6.61 36.06 30.86
C ALA A 61 -6.39 37.31 30.01
N LEU A 62 -5.15 37.50 29.54
CA LEU A 62 -4.87 38.69 28.72
C LEU A 62 -5.56 38.63 27.34
N ALA A 63 -5.64 37.44 26.74
CA ALA A 63 -6.47 37.28 25.53
C ALA A 63 -7.93 37.70 25.76
N LEU A 64 -8.49 37.31 26.90
CA LEU A 64 -9.87 37.66 27.25
C LEU A 64 -10.01 39.16 27.44
N LEU A 65 -9.07 39.78 28.15
CA LEU A 65 -9.07 41.25 28.26
C LEU A 65 -9.04 41.91 26.89
N SER A 66 -8.10 41.48 26.05
CA SER A 66 -7.96 41.99 24.68
C SER A 66 -9.25 41.83 23.90
N ALA A 67 -9.84 40.65 23.99
CA ALA A 67 -11.03 40.37 23.20
C ALA A 67 -12.19 41.25 23.65
N ALA A 68 -12.31 41.45 24.95
CA ALA A 68 -13.39 42.28 25.53
C ALA A 68 -13.26 43.71 25.03
N LEU A 69 -12.07 44.28 25.17
CA LEU A 69 -11.82 45.64 24.71
C LEU A 69 -12.02 45.76 23.19
N ARG A 70 -11.57 44.76 22.46
CA ARG A 70 -11.69 44.78 21.00
C ARG A 70 -13.15 44.76 20.57
N SER A 71 -13.99 44.08 21.34
CA SER A 71 -15.42 44.04 21.05
C SER A 71 -16.12 45.34 21.40
N GLY A 72 -15.42 46.24 22.10
CA GLY A 72 -15.99 47.53 22.49
C GLY A 72 -16.45 47.64 23.95
N GLN A 73 -16.17 46.63 24.78
CA GLN A 73 -16.47 46.73 26.21
C GLN A 73 -15.50 47.68 26.92
N ASP A 74 -16.03 48.54 27.77
CA ASP A 74 -15.15 49.31 28.65
C ASP A 74 -15.12 48.65 30.03
N GLU A 75 -16.30 48.43 30.60
CA GLU A 75 -16.42 47.67 31.84
C GLU A 75 -16.25 46.19 31.51
N VAL A 76 -15.30 45.53 32.18
CA VAL A 76 -15.01 44.12 31.98
C VAL A 76 -15.13 43.41 33.31
N GLN A 77 -15.84 42.28 33.32
CA GLN A 77 -16.07 41.49 34.51
C GLN A 77 -16.09 40.03 34.07
N ILE A 78 -14.94 39.37 34.19
CA ILE A 78 -14.75 38.01 33.72
C ILE A 78 -14.26 37.17 34.86
N GLU A 79 -14.86 36.01 35.02
CA GLU A 79 -14.42 35.04 36.01
C GLU A 79 -14.64 33.66 35.43
N GLU A 80 -13.56 32.88 35.33
CA GLU A 80 -13.64 31.52 34.83
C GLU A 80 -13.04 30.53 35.79
N GLU A 81 -13.72 29.39 35.95
CA GLU A 81 -13.17 28.30 36.74
CA GLU A 81 -13.27 28.28 36.76
C GLU A 81 -13.11 27.08 35.83
N ALA A 82 -11.88 26.74 35.42
CA ALA A 82 -11.67 25.65 34.48
C ALA A 82 -11.94 24.30 35.06
N ALA A 83 -12.49 23.43 34.22
CA ALA A 83 -12.83 22.09 34.67
C ALA A 83 -11.64 21.15 34.75
N TYR A 84 -10.60 21.43 33.99
CA TYR A 84 -9.48 20.51 33.84
C TYR A 84 -8.16 21.16 34.24
N GLU A 85 -7.38 20.47 35.06
CA GLU A 85 -6.06 20.96 35.46
C GLU A 85 -5.14 21.10 34.27
N ASP A 86 -5.29 20.17 33.33
CA ASP A 86 -4.52 20.21 32.11
C ASP A 86 -5.43 20.08 30.89
N LEU A 87 -5.11 20.89 29.89
CA LEU A 87 -5.76 20.89 28.60
C LEU A 87 -4.65 20.96 27.57
N ALA A 88 -4.55 19.91 26.76
CA ALA A 88 -3.42 19.72 25.83
C ALA A 88 -3.92 19.67 24.40
N TYR A 89 -3.05 20.05 23.48
CA TYR A 89 -3.24 19.80 22.04
C TYR A 89 -2.10 18.93 21.55
N MET A 90 -2.45 17.84 20.88
CA MET A 90 -1.46 16.95 20.30
C MET A 90 -1.54 17.01 18.79
N ALA A 91 -0.46 17.45 18.15
CA ALA A 91 -0.36 17.43 16.70
C ALA A 91 0.26 16.13 16.23
N ASP A 92 -0.29 15.57 15.15
CA ASP A 92 0.25 14.37 14.55
C ASP A 92 1.47 14.78 13.73
N CYS A 93 2.63 14.20 14.04
CA CYS A 93 3.84 14.35 13.24
C CYS A 93 4.35 13.01 12.69
N SER A 94 3.46 12.05 12.53
CA SER A 94 3.82 10.71 12.08
C SER A 94 3.15 10.25 10.80
N ARG A 95 2.19 11.05 10.34
CA ARG A 95 1.38 10.70 9.19
C ARG A 95 1.89 11.34 7.89
N ASN A 96 3.15 11.82 7.94
CA ASN A 96 3.99 12.33 6.85
C ASN A 96 4.25 13.83 7.01
N ALA A 97 3.38 14.51 7.76
CA ALA A 97 3.51 15.93 8.00
C ALA A 97 4.19 16.12 9.34
N VAL A 98 5.43 16.58 9.28
CA VAL A 98 6.16 16.95 10.46
C VAL A 98 6.18 18.48 10.59
N LEU A 99 5.50 18.97 11.63
CA LEU A 99 5.36 20.41 11.89
C LEU A 99 6.73 21.05 11.96
N ASN A 100 6.96 22.08 11.15
CA ASN A 100 8.25 22.79 11.22
C ASN A 100 8.35 23.69 12.45
N LEU A 101 9.57 24.14 12.76
CA LEU A 101 9.79 24.86 14.00
C LEU A 101 8.99 26.15 14.05
N SER A 102 8.95 26.88 12.95
CA SER A 102 8.22 28.13 12.90
C SER A 102 6.74 27.92 13.19
N SER A 103 6.20 26.86 12.60
CA SER A 103 4.78 26.59 12.78
C SER A 103 4.49 26.05 14.17
N ALA A 104 5.41 25.26 14.73
CA ALA A 104 5.28 24.85 16.13
C ALA A 104 5.20 26.08 17.07
N LYS A 105 6.05 27.06 16.84
CA LYS A 105 6.07 28.25 17.68
C LYS A 105 4.79 29.05 17.57
N LYS A 106 4.28 29.21 16.35
CA LYS A 106 2.99 29.85 16.13
C LYS A 106 1.87 29.11 16.83
N MET A 107 1.80 27.80 16.65
CA MET A 107 0.77 27.02 17.32
C MET A 107 0.85 27.20 18.84
N ILE A 108 2.06 27.17 19.40
CA ILE A 108 2.24 27.39 20.84
C ILE A 108 1.69 28.74 21.29
N GLU A 109 1.98 29.80 20.54
CA GLU A 109 1.44 31.14 20.84
C GLU A 109 -0.11 31.11 20.89
N VAL A 110 -0.71 30.50 19.88
CA VAL A 110 -2.17 30.47 19.82
C VAL A 110 -2.75 29.64 20.97
N LEU A 111 -2.16 28.47 21.21
CA LEU A 111 -2.60 27.64 22.36
C LEU A 111 -2.49 28.36 23.70
N ALA A 112 -1.42 29.14 23.87
CA ALA A 112 -1.24 29.91 25.10
C ALA A 112 -2.40 30.87 25.29
N LEU A 113 -2.74 31.57 24.22
CA LEU A 113 -3.86 32.52 24.23
C LEU A 113 -5.21 31.85 24.47
N MET A 114 -5.37 30.63 23.95
CA MET A 114 -6.62 29.90 24.15
C MET A 114 -6.80 29.32 25.55
N GLY A 115 -5.69 29.08 26.26
CA GLY A 115 -5.72 28.53 27.59
C GLY A 115 -5.18 27.10 27.74
N TYR A 116 -4.56 26.55 26.68
CA TYR A 116 -3.99 25.20 26.81
C TYR A 116 -2.78 25.22 27.73
N SER A 117 -2.67 24.19 28.56
CA SER A 117 -1.52 24.06 29.46
C SER A 117 -0.36 23.37 28.81
N THR A 118 -0.63 22.57 27.77
CA THR A 118 0.31 21.58 27.26
C THR A 118 0.25 21.45 25.73
N PHE A 119 1.44 21.36 25.10
CA PHE A 119 1.59 21.06 23.67
C PHE A 119 2.19 19.68 23.55
N GLU A 120 1.71 18.89 22.59
CA GLU A 120 2.18 17.51 22.41
C GLU A 120 2.39 17.24 20.93
N LEU A 121 3.39 16.42 20.65
CA LEU A 121 3.69 15.96 19.29
C LEU A 121 3.64 14.44 19.29
N TYR A 122 2.88 13.89 18.35
CA TYR A 122 2.75 12.44 18.17
C TYR A 122 3.80 11.99 17.17
N MET A 123 4.77 11.24 17.67
CA MET A 123 5.97 10.84 16.95
C MET A 123 6.20 9.33 17.11
N GLU A 124 5.79 8.58 16.10
CA GLU A 124 5.99 7.14 16.09
C GLU A 124 7.48 6.87 15.91
N ASP A 125 7.97 7.34 14.77
CA ASP A 125 9.35 7.16 14.33
C ASP A 125 10.08 8.48 14.03
N THR A 126 9.46 9.63 14.30
CA THR A 126 9.95 10.90 13.79
C THR A 126 10.76 11.68 14.84
N TYR A 127 11.64 10.94 15.52
CA TYR A 127 12.65 11.56 16.35
C TYR A 127 13.89 10.67 16.29
N GLU A 128 15.03 11.18 16.73
CA GLU A 128 16.29 10.46 16.56
C GLU A 128 16.67 9.66 17.79
N ILE A 129 17.07 8.41 17.56
CA ILE A 129 17.55 7.50 18.61
C ILE A 129 18.99 7.10 18.27
N GLU A 130 19.86 7.17 19.27
CA GLU A 130 21.24 6.81 19.08
C GLU A 130 21.38 5.40 18.52
N ASN A 131 22.23 5.26 17.50
CA ASN A 131 22.51 3.97 16.87
C ASN A 131 21.29 3.27 16.26
N GLN A 132 20.30 4.08 15.87
CA GLN A 132 19.13 3.56 15.15
C GLN A 132 18.96 4.39 13.86
N PRO A 133 19.88 4.22 12.91
CA PRO A 133 19.84 5.08 11.73
C PRO A 133 18.58 4.96 10.87
N TYR A 134 17.86 3.83 10.97
CA TYR A 134 16.67 3.60 10.13
C TYR A 134 15.40 4.15 10.80
N PHE A 135 15.51 4.53 12.08
CA PHE A 135 14.36 5.00 12.86
C PHE A 135 14.17 6.46 12.45
N GLY A 136 13.14 6.71 11.63
CA GLY A 136 12.88 8.04 11.13
C GLY A 136 13.63 8.44 9.87
N TYR A 137 14.24 7.46 9.23
CA TYR A 137 15.06 7.66 8.04
C TYR A 137 14.23 8.24 6.88
N PHE A 138 14.67 9.40 6.39
CA PHE A 138 14.02 10.14 5.32
C PHE A 138 12.60 10.58 5.66
N ARG A 139 12.32 10.65 6.96
CA ARG A 139 10.98 11.02 7.43
C ARG A 139 10.90 12.43 7.97
N GLY A 140 12.04 13.13 8.06
CA GLY A 140 12.03 14.45 8.69
C GLY A 140 12.00 14.35 10.21
N ARG A 141 12.59 13.30 10.76
CA ARG A 141 12.61 13.14 12.19
C ARG A 141 13.19 14.36 12.85
N TYR A 142 12.68 14.65 14.04
CA TYR A 142 13.18 15.74 14.84
C TYR A 142 14.52 15.39 15.46
N THR A 143 15.43 16.33 15.39
CA THR A 143 16.65 16.21 16.17
C THR A 143 16.34 16.54 17.63
N VAL A 144 17.23 16.14 18.55
CA VAL A 144 17.06 16.55 19.94
C VAL A 144 17.02 18.07 20.07
N ALA A 145 17.89 18.77 19.35
CA ALA A 145 17.90 20.24 19.36
C ALA A 145 16.55 20.86 18.94
N GLU A 146 15.90 20.28 17.95
CA GLU A 146 14.59 20.77 17.52
C GLU A 146 13.56 20.55 18.61
N LEU A 147 13.52 19.35 19.21
CA LEU A 147 12.55 19.12 20.29
C LEU A 147 12.81 20.05 21.46
N GLN A 148 14.09 20.29 21.79
CA GLN A 148 14.39 21.21 22.90
C GLN A 148 13.92 22.63 22.59
N GLU A 149 14.10 23.07 21.35
CA GLU A 149 13.66 24.42 20.95
C GLU A 149 12.14 24.56 21.05
N ILE A 150 11.42 23.53 20.63
CA ILE A 150 9.96 23.55 20.74
C ILE A 150 9.56 23.55 22.21
N GLU A 151 10.13 22.62 22.99
CA GLU A 151 9.83 22.56 24.42
C GLU A 151 10.10 23.90 25.13
N ASP A 152 11.26 24.49 24.84
CA ASP A 152 11.68 25.71 25.50
C ASP A 152 10.73 26.86 25.15
N TYR A 153 10.27 26.89 23.92
CA TYR A 153 9.31 27.91 23.52
C TYR A 153 8.00 27.75 24.29
N ALA A 154 7.50 26.52 24.45
CA ALA A 154 6.30 26.30 25.26
C ALA A 154 6.55 26.73 26.70
N ALA A 155 7.74 26.42 27.22
CA ALA A 155 8.04 26.74 28.61
C ALA A 155 8.09 28.25 28.84
N ASP A 156 8.42 29.00 27.79
CA ASP A 156 8.41 30.46 27.86
C ASP A 156 7.04 30.99 28.26
N PHE A 157 5.99 30.25 27.90
CA PHE A 157 4.60 30.59 28.24
C PHE A 157 4.08 29.75 29.42
N ASP A 158 5.00 29.09 30.14
CA ASP A 158 4.67 28.26 31.30
C ASP A 158 3.77 27.09 30.89
N MET A 159 3.95 26.65 29.64
CA MET A 159 3.25 25.51 29.11
C MET A 159 4.20 24.30 29.17
N SER A 160 3.59 23.14 29.39
CA SER A 160 4.27 21.85 29.43
C SER A 160 4.38 21.28 28.02
N PHE A 161 5.25 20.31 27.85
CA PHE A 161 5.47 19.65 26.58
C PHE A 161 5.46 18.16 26.86
N VAL A 162 4.61 17.42 26.14
CA VAL A 162 4.50 15.98 26.34
C VAL A 162 4.67 15.24 25.02
N PRO A 163 5.79 14.52 24.84
CA PRO A 163 5.87 13.73 23.63
C PRO A 163 4.89 12.56 23.68
N CYS A 164 4.25 12.25 22.54
CA CYS A 164 3.43 11.07 22.42
C CYS A 164 4.16 10.14 21.44
N ILE A 165 4.66 9.02 21.97
CA ILE A 165 5.47 8.09 21.20
C ILE A 165 4.79 6.73 21.08
N GLN A 166 5.51 5.77 20.50
CA GLN A 166 5.01 4.42 20.42
C GLN A 166 6.03 3.43 20.91
N THR A 167 5.58 2.60 21.85
CA THR A 167 6.40 1.54 22.42
C THR A 167 5.82 0.13 22.15
N LEU A 168 4.85 0.01 21.25
CA LEU A 168 4.32 -1.31 20.90
C LEU A 168 4.00 -1.40 19.40
N ALA A 169 2.94 -0.74 18.96
CA ALA A 169 2.53 -0.79 17.55
C ALA A 169 2.57 0.60 16.91
N HIS A 170 1.91 0.75 15.76
CA HIS A 170 1.96 1.98 15.01
C HIS A 170 3.41 2.38 14.69
N LEU A 171 4.21 1.38 14.34
CA LEU A 171 5.61 1.61 13.97
C LEU A 171 5.94 1.13 12.55
N SER A 172 4.94 1.18 11.66
CA SER A 172 5.09 0.66 10.31
C SER A 172 6.23 1.30 9.56
N ALA A 173 6.49 2.59 9.80
CA ALA A 173 7.50 3.30 9.00
C ALA A 173 8.90 2.90 9.41
N PHE A 174 9.03 2.34 10.61
CA PHE A 174 10.34 1.84 11.10
C PHE A 174 10.53 0.39 10.69
N VAL A 175 9.52 -0.47 10.96
CA VAL A 175 9.68 -1.92 10.77
C VAL A 175 9.67 -2.40 9.33
N LYS A 176 9.38 -1.49 8.40
CA LYS A 176 9.48 -1.78 6.98
C LYS A 176 10.90 -2.03 6.48
N TRP A 177 11.90 -1.59 7.23
CA TRP A 177 13.30 -1.67 6.76
C TRP A 177 13.86 -3.08 6.87
N GLY A 178 14.20 -3.65 5.70
CA GLY A 178 14.72 -5.02 5.58
C GLY A 178 16.17 -5.18 5.98
N ILE A 179 16.39 -4.92 7.27
CA ILE A 179 17.70 -4.89 7.91
C ILE A 179 17.57 -5.81 9.14
N LYS A 180 18.51 -6.73 9.30
CA LYS A 180 18.39 -7.77 10.34
C LYS A 180 18.07 -7.16 11.71
N GLU A 181 18.79 -6.11 12.05
CA GLU A 181 18.65 -5.47 13.35
C GLU A 181 17.27 -4.83 13.58
N VAL A 182 16.60 -4.50 12.50
CA VAL A 182 15.23 -3.97 12.58
C VAL A 182 14.22 -5.12 12.57
N GLN A 183 14.39 -6.04 11.63
CA GLN A 183 13.45 -7.15 11.49
C GLN A 183 13.37 -8.02 12.77
N GLU A 184 14.48 -8.12 13.49
CA GLU A 184 14.50 -8.91 14.71
C GLU A 184 13.69 -8.28 15.86
N LEU A 185 13.25 -7.03 15.67
CA LEU A 185 12.46 -6.33 16.65
C LEU A 185 10.96 -6.58 16.47
N ARG A 186 10.59 -7.35 15.46
CA ARG A 186 9.18 -7.42 15.03
C ARG A 186 8.44 -8.66 15.54
N ASP A 187 7.17 -8.48 15.87
CA ASP A 187 6.23 -9.56 16.12
C ASP A 187 5.49 -9.87 14.81
N VAL A 188 4.67 -8.90 14.38
CA VAL A 188 3.79 -9.06 13.22
C VAL A 188 3.30 -7.65 12.83
N GLU A 189 3.05 -7.45 11.53
CA GLU A 189 2.46 -6.20 11.06
C GLU A 189 3.27 -5.02 11.60
N ASP A 190 2.64 -4.07 12.28
CA ASP A 190 3.30 -2.85 12.76
C ASP A 190 3.72 -2.92 14.23
N ILE A 191 3.83 -4.15 14.76
CA ILE A 191 3.96 -4.40 16.20
C ILE A 191 5.36 -4.90 16.55
N LEU A 192 5.94 -4.28 17.58
CA LEU A 192 7.22 -4.75 18.17
C LEU A 192 7.07 -6.04 18.98
N LEU A 193 8.18 -6.76 19.13
CA LEU A 193 8.15 -8.08 19.76
C LEU A 193 8.28 -7.98 21.27
N ILE A 194 7.18 -8.27 21.95
CA ILE A 194 7.19 -8.28 23.41
C ILE A 194 8.18 -9.37 23.86
N GLY A 195 8.94 -9.08 24.91
CA GLY A 195 9.82 -10.09 25.51
C GLY A 195 11.18 -10.18 24.84
N GLU A 196 11.39 -9.42 23.76
CA GLU A 196 12.68 -9.41 23.05
C GLU A 196 13.56 -8.32 23.66
N GLU A 197 14.74 -8.69 24.15
CA GLU A 197 15.56 -7.70 24.84
C GLU A 197 16.06 -6.58 23.93
N LYS A 198 16.19 -6.84 22.64
CA LYS A 198 16.58 -5.80 21.68
C LYS A 198 15.46 -4.77 21.54
N VAL A 199 14.22 -5.21 21.81
CA VAL A 199 13.09 -4.28 21.81
C VAL A 199 13.17 -3.36 23.02
N TYR A 200 13.52 -3.90 24.20
CA TYR A 200 13.63 -3.05 25.39
C TYR A 200 14.86 -2.16 25.28
N ASP A 201 15.88 -2.61 24.55
CA ASP A 201 17.01 -1.75 24.23
C ASP A 201 16.56 -0.56 23.39
N LEU A 202 15.75 -0.83 22.36
CA LEU A 202 15.19 0.24 21.53
C LEU A 202 14.39 1.19 22.38
N ILE A 203 13.48 0.64 23.18
CA ILE A 203 12.60 1.48 24.01
C ILE A 203 13.43 2.32 24.98
N GLU A 204 14.48 1.74 25.55
CA GLU A 204 15.33 2.54 26.42
C GLU A 204 16.01 3.69 25.67
N GLY A 205 16.32 3.46 24.39
CA GLY A 205 16.85 4.46 23.50
C GLY A 205 15.87 5.60 23.31
N MET A 206 14.58 5.28 23.21
CA MET A 206 13.58 6.32 23.10
C MET A 206 13.59 7.21 24.34
N PHE A 207 13.67 6.61 25.52
CA PHE A 207 13.71 7.36 26.77
C PHE A 207 15.00 8.12 26.93
N GLN A 208 16.11 7.55 26.45
CA GLN A 208 17.35 8.30 26.46
C GLN A 208 17.27 9.57 25.62
N THR A 209 16.58 9.50 24.47
CA THR A 209 16.39 10.69 23.67
C THR A 209 15.54 11.70 24.43
N MET A 210 14.39 11.24 24.93
CA MET A 210 13.46 12.22 25.55
C MET A 210 13.98 12.77 26.88
N ALA A 211 14.89 12.04 27.52
CA ALA A 211 15.51 12.50 28.77
C ALA A 211 16.38 13.75 28.57
N HIS A 212 16.74 14.10 27.33
CA HIS A 212 17.38 15.39 27.03
C HIS A 212 16.44 16.59 27.14
N LEU A 213 15.14 16.33 27.26
CA LEU A 213 14.15 17.37 27.48
C LEU A 213 14.03 17.65 28.98
N HIS A 214 13.35 18.74 29.32
CA HIS A 214 13.04 19.02 30.73
C HIS A 214 11.85 18.20 31.20
N THR A 215 10.90 17.98 30.28
CA THR A 215 9.66 17.33 30.63
C THR A 215 9.90 15.92 31.13
N ARG A 216 9.12 15.50 32.12
CA ARG A 216 9.18 14.12 32.59
C ARG A 216 7.80 13.47 32.55
N LYS A 217 6.99 13.95 31.60
CA LYS A 217 5.66 13.39 31.31
C LYS A 217 5.63 12.99 29.84
N ILE A 218 5.13 11.77 29.58
CA ILE A 218 5.21 11.18 28.25
C ILE A 218 4.02 10.26 28.03
N ASN A 219 3.57 10.18 26.77
CA ASN A 219 2.56 9.22 26.39
C ASN A 219 3.25 8.12 25.59
N ILE A 220 3.22 6.89 26.11
CA ILE A 220 3.99 5.78 25.55
C ILE A 220 3.26 4.98 24.46
N GLY A 221 2.02 5.38 24.15
CA GLY A 221 1.29 4.76 23.06
C GLY A 221 0.52 3.50 23.49
N MET A 222 0.76 2.41 22.77
CA MET A 222 0.23 1.09 23.09
C MET A 222 -1.22 0.87 22.66
N ASP A 223 -1.71 1.76 21.81
CA ASP A 223 -2.97 1.54 21.09
C ASP A 223 -2.84 0.54 19.93
N GLU A 224 -3.96 -0.12 19.61
CA GLU A 224 -4.15 -0.74 18.30
C GLU A 224 -3.05 -1.73 17.92
N ALA A 225 -2.74 -2.62 18.86
CA ALA A 225 -1.75 -3.71 18.60
C ALA A 225 -2.53 -5.01 18.42
N HIS A 226 -3.38 -5.04 17.41
CA HIS A 226 -4.43 -6.04 17.36
C HIS A 226 -3.98 -7.49 17.38
N LEU A 227 -2.88 -7.78 16.68
CA LEU A 227 -2.39 -9.17 16.58
C LEU A 227 -1.21 -9.41 17.52
N VAL A 228 -1.08 -8.60 18.56
CA VAL A 228 0.03 -8.74 19.52
C VAL A 228 0.06 -10.18 20.07
N GLY A 229 1.27 -10.76 20.10
CA GLY A 229 1.43 -12.11 20.58
C GLY A 229 1.21 -13.23 19.58
N LEU A 230 0.85 -12.89 18.34
CA LEU A 230 0.41 -13.89 17.34
C LEU A 230 1.35 -14.08 16.14
N GLY A 231 2.48 -13.39 16.14
CA GLY A 231 3.44 -13.44 15.03
C GLY A 231 4.68 -14.23 15.40
N ARG A 232 5.84 -13.60 15.24
CA ARG A 232 7.09 -14.18 15.74
C ARG A 232 6.99 -14.49 17.24
N TYR A 233 6.18 -13.73 17.97
CA TYR A 233 5.96 -14.04 19.38
C TYR A 233 5.39 -15.46 19.56
N LEU A 234 4.40 -15.82 18.75
CA LEU A 234 3.76 -17.13 18.85
C LEU A 234 4.74 -18.24 18.45
N ILE A 235 5.54 -17.97 17.43
CA ILE A 235 6.55 -18.95 17.00
C ILE A 235 7.57 -19.24 18.10
N LYS A 236 7.99 -18.20 18.82
CA LYS A 236 9.00 -18.35 19.87
C LYS A 236 8.42 -18.97 21.14
N HIS A 237 7.18 -18.63 21.50
CA HIS A 237 6.68 -18.89 22.84
C HIS A 237 5.39 -19.73 22.91
N GLY A 238 4.76 -19.98 21.77
CA GLY A 238 3.44 -20.60 21.77
C GLY A 238 2.35 -19.62 22.16
N PHE A 239 1.12 -20.10 22.22
CA PHE A 239 -0.01 -19.26 22.59
C PHE A 239 -0.04 -18.96 24.07
N GLN A 240 -0.12 -17.67 24.39
CA GLN A 240 -0.07 -17.19 25.77
C GLN A 240 -1.26 -16.30 26.04
N ASN A 241 -1.48 -16.04 27.32
CA ASN A 241 -2.52 -15.13 27.79
C ASN A 241 -2.16 -13.71 27.35
N ARG A 242 -2.89 -13.15 26.37
CA ARG A 242 -2.46 -11.88 25.77
C ARG A 242 -2.73 -10.65 26.61
N SER A 243 -3.76 -10.73 27.44
CA SER A 243 -4.01 -9.69 28.42
C SER A 243 -2.81 -9.55 29.38
N LEU A 244 -2.29 -10.69 29.87
CA LEU A 244 -1.12 -10.66 30.77
C LEU A 244 0.13 -10.26 30.02
N LEU A 245 0.23 -10.69 28.77
CA LEU A 245 1.35 -10.30 27.92
C LEU A 245 1.47 -8.79 27.79
N MET A 246 0.34 -8.13 27.52
CA MET A 246 0.27 -6.66 27.51
C MET A 246 0.75 -6.05 28.84
N CYS A 247 0.28 -6.63 29.94
CA CYS A 247 0.65 -6.15 31.26
C CYS A 247 2.14 -6.28 31.46
N GLN A 248 2.70 -7.40 31.01
CA GLN A 248 4.13 -7.66 31.16
C GLN A 248 4.97 -6.62 30.41
N HIS A 249 4.61 -6.39 29.15
CA HIS A 249 5.30 -5.39 28.35
C HIS A 249 5.16 -4.02 29.00
N LEU A 250 3.93 -3.70 29.43
CA LEU A 250 3.70 -2.40 30.03
C LEU A 250 4.59 -2.22 31.28
N GLU A 251 4.67 -3.23 32.14
CA GLU A 251 5.51 -3.13 33.33
C GLU A 251 6.97 -2.93 32.94
N ARG A 252 7.43 -3.63 31.91
CA ARG A 252 8.81 -3.44 31.43
C ARG A 252 9.08 -2.00 31.00
N VAL A 253 8.14 -1.42 30.26
CA VAL A 253 8.27 -0.05 29.77
C VAL A 253 8.21 0.96 30.92
N LEU A 254 7.31 0.74 31.89
CA LEU A 254 7.21 1.62 33.05
C LEU A 254 8.52 1.57 33.87
N ASP A 255 9.12 0.39 33.92
CA ASP A 255 10.40 0.23 34.62
C ASP A 255 11.48 1.06 33.93
N ILE A 256 11.51 1.03 32.59
CA ILE A 256 12.43 1.89 31.84
C ILE A 256 12.13 3.36 32.06
N ALA A 257 10.86 3.75 32.00
CA ALA A 257 10.49 5.14 32.21
C ALA A 257 10.95 5.65 33.59
N ASP A 258 10.76 4.79 34.60
CA ASP A 258 11.14 5.07 35.99
C ASP A 258 12.64 5.36 36.11
N LYS A 259 13.45 4.60 35.37
CA LYS A 259 14.90 4.80 35.40
C LYS A 259 15.28 6.22 34.99
N TYR A 260 14.51 6.81 34.07
CA TYR A 260 14.78 8.16 33.57
C TYR A 260 13.90 9.25 34.22
N GLY A 261 13.09 8.87 35.21
CA GLY A 261 12.29 9.82 35.96
C GLY A 261 10.96 10.22 35.32
N PHE A 262 10.51 9.45 34.34
CA PHE A 262 9.28 9.79 33.60
C PHE A 262 8.03 9.22 34.25
N ASN A 263 6.94 9.97 34.12
CA ASN A 263 5.61 9.53 34.45
C ASN A 263 4.89 9.34 33.12
N CYS A 264 4.12 8.27 33.01
CA CYS A 264 3.57 7.84 31.71
C CYS A 264 2.05 7.85 31.63
N GLN A 265 1.57 8.16 30.42
CA GLN A 265 0.18 7.93 30.00
C GLN A 265 0.21 6.92 28.85
N MET A 266 -0.89 6.22 28.62
CA MET A 266 -0.99 5.32 27.49
C MET A 266 -2.43 5.35 26.99
N TRP A 267 -2.59 5.06 25.72
CA TRP A 267 -3.95 4.86 25.15
C TRP A 267 -4.51 3.61 25.77
N SER A 268 -5.80 3.62 26.10
CA SER A 268 -6.37 2.54 26.89
C SER A 268 -7.00 1.36 26.15
N ASP A 269 -7.12 1.46 24.83
CA ASP A 269 -7.97 0.53 24.09
C ASP A 269 -7.60 -0.95 24.16
N MET A 270 -6.34 -1.30 24.30
CA MET A 270 -6.00 -2.72 24.21
C MET A 270 -6.48 -3.54 25.41
N PHE A 271 -6.69 -2.92 26.56
CA PHE A 271 -7.18 -3.70 27.73
C PHE A 271 -8.58 -4.18 27.43
N PHE A 272 -9.38 -3.31 26.82
CA PHE A 272 -10.75 -3.66 26.48
C PHE A 272 -10.84 -4.62 25.32
N LYS A 273 -10.05 -4.40 24.29
CA LYS A 273 -10.06 -5.30 23.13
C LYS A 273 -9.59 -6.74 23.50
N LEU A 274 -8.61 -6.83 24.37
CA LEU A 274 -8.07 -8.15 24.76
C LEU A 274 -8.97 -8.92 25.74
N MET A 275 -9.82 -8.20 26.46
CA MET A 275 -10.70 -8.84 27.45
C MET A 275 -12.16 -8.94 27.04
N SER A 276 -12.55 -8.29 25.93
CA SER A 276 -13.95 -8.37 25.49
C SER A 276 -14.16 -9.53 24.52
N ALA A 277 -15.35 -10.11 24.54
CA ALA A 277 -15.61 -11.32 23.76
C ALA A 277 -15.62 -11.08 22.25
N ASP A 278 -15.84 -9.85 21.79
CA ASP A 278 -15.76 -9.56 20.37
C ASP A 278 -14.61 -8.60 20.04
N GLY A 279 -13.72 -8.34 20.99
CA GLY A 279 -12.46 -7.66 20.69
C GLY A 279 -12.60 -6.17 20.39
N GLN A 280 -13.58 -5.53 21.02
CA GLN A 280 -13.89 -4.12 20.78
C GLN A 280 -13.53 -3.27 22.00
N TYR A 281 -13.45 -1.96 21.79
CA TYR A 281 -13.06 -0.98 22.82
C TYR A 281 -14.22 -0.61 23.74
N ASP A 282 -15.37 -0.34 23.15
CA ASP A 282 -16.53 0.18 23.91
C ASP A 282 -17.26 -0.99 24.57
N ARG A 283 -16.63 -1.52 25.60
CA ARG A 283 -17.09 -2.75 26.23
C ARG A 283 -16.85 -2.78 27.73
N ASP A 284 -17.85 -3.22 28.49
CA ASP A 284 -17.65 -3.50 29.91
C ASP A 284 -17.11 -4.92 30.01
N VAL A 285 -15.85 -5.05 30.40
CA VAL A 285 -15.21 -6.38 30.40
C VAL A 285 -15.12 -6.97 31.80
N GLU A 286 -15.22 -8.29 31.89
CA GLU A 286 -14.89 -8.97 33.14
C GLU A 286 -13.41 -9.29 33.12
N ILE A 287 -12.75 -8.99 34.23
CA ILE A 287 -11.31 -9.10 34.31
C ILE A 287 -10.96 -10.34 35.11
N PRO A 288 -10.19 -11.27 34.51
CA PRO A 288 -9.72 -12.45 35.23
C PRO A 288 -8.85 -12.06 36.41
N GLU A 289 -8.97 -12.79 37.50
CA GLU A 289 -8.30 -12.37 38.71
C GLU A 289 -6.81 -12.14 38.52
N GLU A 290 -6.13 -13.01 37.78
CA GLU A 290 -4.69 -12.83 37.56
C GLU A 290 -4.38 -11.53 36.83
N THR A 291 -5.26 -11.12 35.92
CA THR A 291 -5.07 -9.86 35.23
C THR A 291 -5.41 -8.70 36.17
N ARG A 292 -6.45 -8.87 36.98
CA ARG A 292 -6.81 -7.87 37.99
C ARG A 292 -5.64 -7.53 38.91
N VAL A 293 -4.98 -8.56 39.42
CA VAL A 293 -3.83 -8.34 40.30
C VAL A 293 -2.77 -7.51 39.57
N TYR A 294 -2.59 -7.80 38.29
CA TYR A 294 -1.59 -7.10 37.52
C TYR A 294 -2.03 -5.65 37.30
N LEU A 295 -3.25 -5.44 36.80
CA LEU A 295 -3.72 -4.07 36.58
C LEU A 295 -3.76 -3.24 37.87
N ASP A 296 -4.13 -3.89 38.98
CA ASP A 296 -4.20 -3.19 40.28
C ASP A 296 -2.86 -2.66 40.67
N ARG A 297 -1.81 -3.38 40.29
CA ARG A 297 -0.46 -2.97 40.59
C ARG A 297 0.05 -1.90 39.62
N LEU A 298 -0.57 -1.77 38.46
CA LEU A 298 -0.10 -0.82 37.45
C LEU A 298 -0.95 0.44 37.38
N LYS A 299 -2.15 0.40 37.95
CA LYS A 299 -3.08 1.54 37.86
C LYS A 299 -2.54 2.84 38.49
N GLU A 300 -1.65 2.74 39.48
CA GLU A 300 -1.09 3.94 40.10
C GLU A 300 0.19 4.36 39.42
N ARG A 301 0.63 3.61 38.41
CA ARG A 301 1.87 3.92 37.70
C ARG A 301 1.67 4.40 36.28
N VAL A 302 0.43 4.43 35.82
CA VAL A 302 0.17 4.92 34.48
C VAL A 302 -1.22 5.54 34.43
N THR A 303 -1.34 6.61 33.65
CA THR A 303 -2.62 7.23 33.35
C THR A 303 -3.16 6.59 32.06
N LEU A 304 -4.35 6.01 32.14
CA LEU A 304 -5.04 5.48 30.96
C LEU A 304 -5.75 6.63 30.29
N VAL A 305 -5.62 6.71 28.98
CA VAL A 305 -6.30 7.72 28.18
C VAL A 305 -7.39 7.07 27.34
N TYR A 306 -8.64 7.38 27.71
CA TYR A 306 -9.82 6.99 26.97
C TYR A 306 -9.95 7.98 25.84
N TRP A 307 -9.83 7.46 24.63
CA TRP A 307 -9.99 8.26 23.42
C TRP A 307 -11.27 7.92 22.67
N ASP A 308 -11.99 8.96 22.25
CA ASP A 308 -13.29 8.76 21.58
C ASP A 308 -13.68 10.06 20.89
N TYR A 309 -13.82 9.98 19.58
CA TYR A 309 -14.07 11.17 18.74
C TYR A 309 -15.43 11.12 18.09
N TYR A 310 -16.27 10.16 18.53
CA TYR A 310 -17.41 9.71 17.72
C TYR A 310 -18.81 9.88 18.30
N GLN A 311 -18.95 9.92 19.62
CA GLN A 311 -20.30 9.79 20.24
C GLN A 311 -21.02 11.12 20.26
N ASP A 312 -22.33 11.08 19.99
CA ASP A 312 -23.16 12.28 20.01
C ASP A 312 -23.97 12.49 21.27
N SER A 313 -23.70 11.74 22.32
CA SER A 313 -24.42 11.94 23.58
C SER A 313 -23.55 11.66 24.78
N GLU A 314 -23.78 12.44 25.82
CA GLU A 314 -23.04 12.34 27.04
C GLU A 314 -23.07 10.92 27.58
N GLU A 315 -24.25 10.29 27.57
CA GLU A 315 -24.40 8.96 28.18
C GLU A 315 -23.50 7.92 27.53
N LYS A 316 -23.27 8.04 26.22
CA LYS A 316 -22.37 7.13 25.52
C LYS A 316 -20.92 7.26 26.00
N TYR A 317 -20.45 8.48 26.26
CA TYR A 317 -19.12 8.64 26.88
C TYR A 317 -19.15 8.11 28.32
N ASN A 318 -20.23 8.43 29.04
CA ASN A 318 -20.34 8.05 30.46
C ASN A 318 -20.16 6.55 30.65
N ARG A 319 -20.76 5.79 29.74
CA ARG A 319 -20.69 4.34 29.81
C ARG A 319 -19.24 3.87 29.72
N ASN A 320 -18.50 4.46 28.79
CA ASN A 320 -17.10 4.14 28.66
C ASN A 320 -16.27 4.57 29.85
N PHE A 321 -16.57 5.73 30.44
CA PHE A 321 -15.89 6.14 31.66
C PHE A 321 -16.15 5.14 32.80
N GLN A 322 -17.38 4.64 32.90
CA GLN A 322 -17.69 3.65 33.93
C GLN A 322 -16.89 2.36 33.67
N ASN A 323 -16.80 1.94 32.41
CA ASN A 323 -16.00 0.77 32.00
C ASN A 323 -14.55 0.96 32.47
N HIS A 324 -13.99 2.15 32.22
CA HIS A 324 -12.61 2.46 32.62
C HIS A 324 -12.37 2.53 34.12
N HIS A 325 -13.35 3.05 34.87
CA HIS A 325 -13.16 3.26 36.29
C HIS A 325 -13.20 1.95 37.08
N LYS A 326 -13.66 0.88 36.43
CA LYS A 326 -13.55 -0.45 37.01
C LYS A 326 -12.10 -0.92 36.99
N ILE A 327 -11.27 -0.34 36.13
CA ILE A 327 -9.84 -0.64 36.08
C ILE A 327 -9.01 0.36 36.86
N SER A 328 -9.25 1.65 36.66
CA SER A 328 -8.44 2.66 37.30
C SER A 328 -9.23 3.93 37.51
N GLN A 329 -8.90 4.67 38.57
CA GLN A 329 -9.49 5.97 38.85
C GLN A 329 -8.87 7.07 38.00
N ASP A 330 -7.66 6.84 37.52
CA ASP A 330 -6.89 7.88 36.87
C ASP A 330 -7.05 7.75 35.37
N ILE A 331 -8.17 8.32 34.89
CA ILE A 331 -8.54 8.24 33.49
C ILE A 331 -8.55 9.64 32.88
N ALA A 332 -7.70 9.86 31.88
CA ALA A 332 -7.71 11.09 31.08
C ALA A 332 -8.55 10.83 29.84
N PHE A 333 -8.95 11.92 29.17
CA PHE A 333 -9.80 11.83 27.99
C PHE A 333 -9.13 12.51 26.81
N ALA A 334 -9.17 11.87 25.64
CA ALA A 334 -8.73 12.48 24.38
C ALA A 334 -9.92 12.72 23.48
N GLY A 335 -10.14 13.98 23.13
CA GLY A 335 -11.23 14.39 22.26
C GLY A 335 -10.64 14.82 20.94
N GLY A 336 -11.47 15.03 19.93
CA GLY A 336 -10.97 15.20 18.57
C GLY A 336 -10.99 16.60 18.01
N ALA A 337 -9.88 16.98 17.33
CA ALA A 337 -9.87 18.10 16.42
C ALA A 337 -9.77 17.45 15.04
N TRP A 338 -10.93 17.26 14.39
CA TRP A 338 -11.04 16.44 13.21
C TRP A 338 -10.30 17.03 12.03
N LYS A 339 -9.06 16.58 11.83
CA LYS A 339 -8.25 16.97 10.68
C LYS A 339 -7.54 15.78 10.01
N TRP A 340 -8.12 14.59 10.13
CA TRP A 340 -7.53 13.35 9.61
C TRP A 340 -8.35 12.67 8.52
N ILE A 341 -9.20 13.43 7.79
CA ILE A 341 -10.09 12.85 6.78
C ILE A 341 -9.84 13.46 5.40
N GLY A 342 -8.57 13.73 5.10
CA GLY A 342 -8.21 14.15 3.76
C GLY A 342 -7.53 15.49 3.77
N PHE A 343 -8.06 16.42 2.99
CA PHE A 343 -7.49 17.77 2.84
C PHE A 343 -8.27 18.82 3.60
N THR A 344 -9.45 18.44 4.09
CA THR A 344 -10.43 19.37 4.67
C THR A 344 -10.82 18.86 6.05
N PRO A 345 -10.79 19.72 7.08
CA PRO A 345 -11.13 19.32 8.44
C PRO A 345 -12.63 19.22 8.66
N HIS A 346 -13.01 18.90 9.88
CA HIS A 346 -14.43 18.97 10.23
C HIS A 346 -14.56 19.59 11.61
N ASN A 347 -14.34 20.91 11.67
CA ASN A 347 -14.55 21.67 12.90
C ASN A 347 -16.01 21.61 13.40
N HIS A 348 -16.96 21.61 12.47
CA HIS A 348 -18.38 21.48 12.83
C HIS A 348 -18.66 20.18 13.60
N PHE A 349 -18.17 19.05 13.10
CA PHE A 349 -18.39 17.76 13.76
C PHE A 349 -17.64 17.77 15.08
N SER A 350 -16.42 18.31 15.06
CA SER A 350 -15.64 18.45 16.29
C SER A 350 -16.41 19.15 17.41
N ARG A 351 -17.12 20.21 17.03
CA ARG A 351 -17.90 20.98 17.99
C ARG A 351 -19.02 20.13 18.55
N LEU A 352 -19.74 19.46 17.68
CA LEU A 352 -20.92 18.68 18.08
C LEU A 352 -20.55 17.67 19.15
N VAL A 353 -19.46 16.91 18.93
CA VAL A 353 -19.11 15.84 19.86
C VAL A 353 -18.42 16.41 21.09
N ALA A 354 -17.65 17.48 20.93
CA ALA A 354 -16.99 18.11 22.07
C ALA A 354 -17.99 18.57 23.14
N ILE A 355 -19.10 19.14 22.71
CA ILE A 355 -20.09 19.61 23.67
C ILE A 355 -20.52 18.47 24.58
N GLU A 356 -20.78 17.31 24.00
CA GLU A 356 -21.22 16.16 24.78
C GLU A 356 -20.08 15.48 25.57
N ALA A 357 -18.89 15.42 24.98
CA ALA A 357 -17.77 14.84 25.70
C ALA A 357 -17.41 15.65 26.94
N ASN A 358 -17.47 16.97 26.79
CA ASN A 358 -17.17 17.86 27.91
C ASN A 358 -18.14 17.59 29.09
N LYS A 359 -19.42 17.35 28.75
CA LYS A 359 -20.36 17.03 29.80
C LYS A 359 -19.94 15.78 30.55
N ALA A 360 -19.57 14.73 29.80
CA ALA A 360 -19.16 13.46 30.38
C ALA A 360 -17.87 13.59 31.17
N CYS A 361 -16.88 14.32 30.64
CA CYS A 361 -15.63 14.49 31.38
C CYS A 361 -15.88 15.14 32.75
N ARG A 362 -16.71 16.18 32.77
CA ARG A 362 -17.04 16.87 34.02
C ARG A 362 -17.75 15.96 35.04
N LYS A 363 -18.58 15.04 34.55
CA LYS A 363 -19.31 14.05 35.38
C LYS A 363 -18.43 12.93 35.94
N ASN A 364 -17.28 12.71 35.31
CA ASN A 364 -16.43 11.56 35.61
C ASN A 364 -15.03 11.92 36.14
N GLN A 365 -14.94 13.13 36.68
CA GLN A 365 -13.78 13.62 37.40
C GLN A 365 -12.48 13.57 36.59
N VAL A 366 -12.60 13.78 35.28
CA VAL A 366 -11.44 13.89 34.41
C VAL A 366 -10.63 15.14 34.80
N LYS A 367 -9.32 15.02 34.98
CA LYS A 367 -8.45 16.19 35.26
C LYS A 367 -7.65 16.70 34.04
N GLU A 368 -7.61 15.91 32.98
CA GLU A 368 -6.86 16.25 31.79
C GLU A 368 -7.64 15.84 30.54
N VAL A 369 -7.84 16.79 29.63
CA VAL A 369 -8.34 16.49 28.30
C VAL A 369 -7.24 16.77 27.29
N ILE A 370 -6.96 15.82 26.39
CA ILE A 370 -5.96 15.96 25.32
C ILE A 370 -6.75 16.05 24.03
N VAL A 371 -6.68 17.16 23.34
CA VAL A 371 -7.33 17.34 22.05
C VAL A 371 -6.35 16.83 21.00
N THR A 372 -6.71 15.76 20.27
CA THR A 372 -5.82 15.11 19.31
C THR A 372 -6.13 15.50 17.86
N GLY A 373 -5.14 16.01 17.15
CA GLY A 373 -5.29 16.40 15.76
C GLY A 373 -4.51 15.43 14.90
N TRP A 374 -5.05 14.21 14.82
CA TRP A 374 -4.45 13.18 13.96
C TRP A 374 -4.35 13.61 12.48
N GLY A 375 -3.56 12.87 11.71
CA GLY A 375 -3.31 13.19 10.30
C GLY A 375 -3.44 12.02 9.33
N ASP A 376 -4.26 11.03 9.71
CA ASP A 376 -4.36 9.73 9.03
C ASP A 376 -4.06 9.69 7.53
N ASN A 377 -3.16 8.77 7.17
CA ASN A 377 -2.99 8.39 5.76
C ASN A 377 -2.40 9.50 4.87
N GLY A 378 -1.38 10.20 5.39
CA GLY A 378 -0.58 11.15 4.62
C GLY A 378 -0.53 12.59 5.05
N GLY A 379 -1.32 12.99 6.06
CA GLY A 379 -1.23 14.32 6.62
C GLY A 379 -1.60 15.44 5.66
N GLU A 380 -2.69 15.21 4.91
CA GLU A 380 -3.07 16.14 3.86
C GLU A 380 -3.81 17.39 4.34
N THR A 381 -4.24 17.44 5.61
CA THR A 381 -4.97 18.61 6.11
C THR A 381 -4.01 19.60 6.76
N SER A 382 -4.28 20.89 6.56
CA SER A 382 -3.46 21.93 7.20
C SER A 382 -3.34 21.74 8.70
N GLN A 383 -2.15 21.99 9.22
CA GLN A 383 -1.89 22.00 10.64
C GLN A 383 -2.68 23.05 11.40
N PHE A 384 -3.14 24.09 10.69
CA PHE A 384 -3.89 25.17 11.36
C PHE A 384 -5.35 25.14 10.99
N SER A 385 -5.78 24.05 10.35
CA SER A 385 -7.18 23.85 9.89
C SER A 385 -8.17 23.81 11.05
N VAL A 386 -7.69 23.40 12.23
CA VAL A 386 -8.55 23.10 13.37
C VAL A 386 -8.53 24.15 14.47
N LEU A 387 -8.09 25.39 14.17
CA LEU A 387 -8.11 26.43 15.20
C LEU A 387 -9.50 26.61 15.81
N PRO A 388 -10.56 26.55 14.98
CA PRO A 388 -11.88 26.66 15.61
C PRO A 388 -12.15 25.57 16.65
N ALA A 389 -11.90 24.31 16.28
CA ALA A 389 -12.10 23.21 17.23
C ALA A 389 -11.27 23.41 18.49
N LEU A 390 -10.05 23.91 18.35
CA LEU A 390 -9.22 24.12 19.53
C LEU A 390 -9.77 25.22 20.43
N GLN A 391 -10.32 26.27 19.83
CA GLN A 391 -10.95 27.30 20.67
C GLN A 391 -12.17 26.74 21.34
N ILE A 392 -12.94 25.96 20.59
CA ILE A 392 -14.15 25.36 21.13
C ILE A 392 -13.83 24.55 22.39
N TRP A 393 -12.82 23.68 22.31
CA TRP A 393 -12.49 22.90 23.48
C TRP A 393 -11.99 23.78 24.65
N ALA A 394 -11.26 24.86 24.35
CA ALA A 394 -10.81 25.75 25.43
C ALA A 394 -12.01 26.43 26.10
N GLU A 395 -12.98 26.89 25.29
CA GLU A 395 -14.17 27.53 25.85
C GLU A 395 -14.94 26.53 26.71
N LEU A 396 -15.07 25.32 26.23
CA LEU A 396 -15.81 24.31 26.99
C LEU A 396 -15.13 24.05 28.34
N ALA A 397 -13.79 24.00 28.32
CA ALA A 397 -12.97 23.72 29.48
C ALA A 397 -13.03 24.85 30.52
N TYR A 398 -13.02 26.09 30.03
CA TYR A 398 -12.91 27.26 30.89
C TYR A 398 -14.24 27.86 31.31
N ARG A 399 -15.20 27.86 30.40
CA ARG A 399 -16.53 28.46 30.64
C ARG A 399 -17.69 27.47 30.66
N ASN A 400 -17.48 26.23 30.24
CA ASN A 400 -18.60 25.31 30.07
C ASN A 400 -19.67 25.77 29.08
N ASP A 401 -19.29 26.63 28.14
CA ASP A 401 -20.22 27.06 27.08
C ASP A 401 -19.44 27.69 25.94
N LEU A 402 -20.11 27.99 24.85
CA LEU A 402 -19.46 28.56 23.66
C LEU A 402 -19.92 30.01 23.39
N LYS A 403 -20.44 30.66 24.43
CA LYS A 403 -21.02 32.00 24.29
C LYS A 403 -20.03 33.06 23.85
N LYS A 404 -18.76 32.85 24.19
CA LYS A 404 -17.72 33.82 23.87
C LYS A 404 -16.74 33.32 22.83
N VAL A 405 -17.07 32.25 22.12
CA VAL A 405 -16.08 31.67 21.22
C VAL A 405 -15.65 32.68 20.14
N SER A 406 -16.57 33.38 19.49
CA SER A 406 -16.18 34.34 18.43
C SER A 406 -15.32 35.47 18.97
N GLU A 407 -15.76 36.06 20.08
CA GLU A 407 -15.06 37.16 20.70
C GLU A 407 -13.60 36.80 20.98
N HIS A 408 -13.41 35.65 21.61
CA HIS A 408 -12.05 35.21 21.97
C HIS A 408 -11.25 34.81 20.71
N PHE A 409 -11.90 34.12 19.79
CA PHE A 409 -11.23 33.62 18.56
C PHE A 409 -10.60 34.73 17.73
N LEU A 410 -11.22 35.89 17.70
CA LEU A 410 -10.69 37.02 16.94
C LEU A 410 -9.27 37.41 17.41
N VAL A 411 -9.03 37.32 18.72
CA VAL A 411 -7.71 37.63 19.25
C VAL A 411 -6.76 36.50 18.89
N SER A 412 -7.22 35.26 19.03
CA SER A 412 -6.38 34.08 18.77
C SER A 412 -5.85 34.02 17.33
N THR A 413 -6.68 34.38 16.35
CA THR A 413 -6.39 34.17 14.94
C THR A 413 -6.41 35.41 14.09
N GLY A 414 -7.01 36.48 14.60
CA GLY A 414 -7.18 37.68 13.84
C GLY A 414 -8.33 37.62 12.85
N LEU A 415 -9.07 36.51 12.78
CA LEU A 415 -10.21 36.46 11.87
C LEU A 415 -11.47 35.94 12.53
N ASP A 416 -12.58 36.08 11.81
CA ASP A 416 -13.87 35.78 12.35
C ASP A 416 -14.07 34.27 12.44
N PHE A 417 -14.63 33.83 13.57
CA PHE A 417 -14.83 32.41 13.84
C PHE A 417 -15.75 31.73 12.82
N ASP A 418 -16.86 32.38 12.49
CA ASP A 418 -17.80 31.78 11.55
C ASP A 418 -17.18 31.69 10.15
N ASP A 419 -16.41 32.70 9.77
CA ASP A 419 -15.67 32.65 8.51
C ASP A 419 -14.74 31.41 8.54
N PHE A 420 -13.95 31.28 9.60
CA PHE A 420 -12.97 30.20 9.70
C PHE A 420 -13.65 28.86 9.65
N MET A 421 -14.85 28.74 10.25
CA MET A 421 -15.58 27.45 10.24
C MET A 421 -15.91 26.99 8.82
N LYS A 422 -15.97 27.93 7.88
CA LYS A 422 -16.26 27.60 6.50
C LYS A 422 -15.13 26.84 5.84
N ILE A 423 -13.97 26.77 6.49
CA ILE A 423 -12.89 25.90 6.02
C ILE A 423 -13.36 24.45 5.80
N ASP A 424 -14.39 24.03 6.53
CA ASP A 424 -14.96 22.69 6.49
C ASP A 424 -15.76 22.40 5.21
N LEU A 425 -16.00 23.43 4.36
CA LEU A 425 -17.10 23.34 3.40
C LEU A 425 -17.02 22.11 2.47
N ALA A 426 -15.82 21.67 2.10
CA ALA A 426 -15.79 20.53 1.14
C ALA A 426 -16.29 19.20 1.73
N ASN A 427 -16.52 19.15 3.05
CA ASN A 427 -17.19 18.02 3.70
C ASN A 427 -18.65 18.22 4.04
N LEU A 428 -19.14 19.46 3.90
CA LEU A 428 -20.48 19.83 4.40
C LEU A 428 -21.51 19.72 3.27
N LEU A 429 -21.67 18.50 2.75
CA LEU A 429 -22.66 18.28 1.70
C LEU A 429 -24.05 18.61 2.21
N PRO A 430 -24.90 19.18 1.34
CA PRO A 430 -26.27 19.37 1.77
C PRO A 430 -26.97 18.12 2.26
N ASP A 431 -27.80 18.29 3.29
CA ASP A 431 -28.68 17.22 3.77
C ASP A 431 -27.99 16.18 4.67
N LEU A 432 -26.67 16.27 4.84
CA LEU A 432 -25.96 15.28 5.66
C LEU A 432 -26.43 15.35 7.11
N PRO A 433 -26.80 14.20 7.70
CA PRO A 433 -27.04 14.21 9.13
C PRO A 433 -25.78 14.62 9.87
N ASP A 434 -25.90 15.56 10.80
CA ASP A 434 -24.71 16.18 11.42
C ASP A 434 -23.99 15.27 12.40
N ASN A 435 -24.58 14.16 12.78
CA ASN A 435 -23.99 13.33 13.81
C ASN A 435 -23.21 12.15 13.27
N LEU A 436 -23.00 12.10 11.95
CA LEU A 436 -22.27 10.98 11.34
C LEU A 436 -20.84 11.42 11.03
N SER A 437 -19.87 10.63 11.51
CA SER A 437 -18.47 11.02 11.49
C SER A 437 -17.77 10.50 10.24
N GLY A 438 -16.70 11.21 9.87
CA GLY A 438 -15.79 10.74 8.85
C GLY A 438 -16.26 10.86 7.40
N ILE A 439 -17.36 11.57 7.16
CA ILE A 439 -17.90 11.68 5.80
C ILE A 439 -17.03 12.71 5.06
N ASN A 440 -16.24 12.24 4.10
CA ASN A 440 -15.12 13.01 3.65
C ASN A 440 -15.05 13.08 2.11
N PRO A 441 -16.11 13.62 1.47
CA PRO A 441 -16.08 13.74 0.01
C PRO A 441 -14.95 14.63 -0.52
N ASN A 442 -14.46 15.55 0.32
CA ASN A 442 -13.34 16.39 -0.04
C ASN A 442 -12.22 15.53 -0.65
N ARG A 443 -12.03 14.35 -0.07
CA ARG A 443 -10.88 13.52 -0.39
C ARG A 443 -11.19 12.48 -1.46
N TYR A 444 -12.32 11.77 -1.30
CA TYR A 444 -12.60 10.70 -2.24
C TYR A 444 -13.13 11.15 -3.59
N VAL A 445 -13.82 12.29 -3.62
CA VAL A 445 -14.19 12.87 -4.91
C VAL A 445 -12.92 13.31 -5.64
N LEU A 446 -11.92 13.81 -4.91
CA LEU A 446 -10.66 14.19 -5.52
C LEU A 446 -9.94 12.97 -6.11
N TYR A 447 -9.70 11.97 -5.27
CA TYR A 447 -8.80 10.90 -5.65
C TYR A 447 -9.42 9.76 -6.47
N GLN A 448 -10.74 9.66 -6.54
CA GLN A 448 -11.30 8.57 -7.33
C GLN A 448 -10.91 8.72 -8.79
N ASP A 449 -10.86 7.59 -9.50
CA ASP A 449 -10.52 7.58 -10.91
C ASP A 449 -11.61 8.28 -11.73
N VAL A 450 -11.29 8.61 -12.97
CA VAL A 450 -12.26 9.20 -13.91
C VAL A 450 -12.96 8.09 -14.75
N LEU A 451 -12.18 7.21 -15.35
CA LEU A 451 -12.70 6.08 -16.11
C LEU A 451 -13.38 5.02 -15.25
N CYS A 452 -12.84 4.74 -14.05
CA CYS A 452 -13.36 3.71 -13.16
C CYS A 452 -13.67 4.32 -11.79
N PRO A 453 -14.70 5.19 -11.73
CA PRO A 453 -14.91 6.02 -10.53
C PRO A 453 -15.54 5.26 -9.41
N LEU A 454 -14.71 4.76 -8.47
CA LEU A 454 -15.20 3.80 -7.50
C LEU A 454 -16.16 4.37 -6.45
N LEU A 455 -16.17 5.70 -6.28
CA LEU A 455 -17.04 6.38 -5.34
C LEU A 455 -18.31 6.95 -5.99
N GLU A 456 -18.52 6.68 -7.28
CA GLU A 456 -19.58 7.38 -8.07
C GLU A 456 -20.99 7.16 -7.49
N GLN A 457 -21.27 5.98 -6.95
CA GLN A 457 -22.60 5.75 -6.35
C GLN A 457 -22.87 6.57 -5.08
N HIS A 458 -21.82 7.17 -4.54
CA HIS A 458 -21.94 8.02 -3.34
C HIS A 458 -21.95 9.52 -3.64
N ILE A 459 -22.03 9.85 -4.92
CA ILE A 459 -22.07 11.23 -5.39
C ILE A 459 -23.45 11.53 -6.00
N ARG A 460 -24.06 12.63 -5.58
CA ARG A 460 -25.27 13.18 -6.20
C ARG A 460 -24.75 14.24 -7.18
N PRO A 461 -24.61 13.91 -8.46
CA PRO A 461 -23.87 14.83 -9.30
C PRO A 461 -24.33 16.30 -9.26
N GLU A 462 -25.60 16.57 -9.47
CA GLU A 462 -26.03 17.98 -9.54
C GLU A 462 -25.94 18.66 -8.17
N LYS A 463 -26.49 18.03 -7.13
CA LYS A 463 -26.54 18.63 -5.78
C LYS A 463 -25.17 18.86 -5.21
N ASP A 464 -24.31 17.83 -5.33
CA ASP A 464 -22.97 17.92 -4.77
C ASP A 464 -22.14 18.92 -5.54
N LYS A 465 -22.19 18.84 -6.87
CA LYS A 465 -21.45 19.80 -7.72
C LYS A 465 -21.82 21.24 -7.39
N GLN A 466 -23.11 21.49 -7.23
CA GLN A 466 -23.54 22.85 -6.92
C GLN A 466 -23.01 23.32 -5.57
N HIS A 467 -22.99 22.42 -4.60
CA HIS A 467 -22.45 22.72 -3.30
C HIS A 467 -20.96 23.07 -3.39
N PHE A 468 -20.19 22.26 -4.09
CA PHE A 468 -18.75 22.56 -4.24
C PHE A 468 -18.51 23.88 -4.97
N ALA A 469 -19.29 24.17 -5.99
CA ALA A 469 -19.12 25.43 -6.74
C ALA A 469 -19.46 26.63 -5.84
N SER A 470 -20.56 26.54 -5.11
CA SER A 470 -20.92 27.58 -4.16
C SER A 470 -19.86 27.80 -3.08
N SER A 471 -19.31 26.69 -2.60
CA SER A 471 -18.27 26.70 -1.57
C SER A 471 -17.00 27.37 -2.07
N ALA A 472 -16.61 27.10 -3.30
CA ALA A 472 -15.43 27.76 -3.89
C ALA A 472 -15.62 29.28 -3.91
N GLN A 473 -16.82 29.72 -4.30
CA GLN A 473 -17.15 31.15 -4.30
C GLN A 473 -17.02 31.76 -2.90
N GLN A 474 -17.66 31.13 -1.92
CA GLN A 474 -17.63 31.60 -0.53
C GLN A 474 -16.19 31.70 -0.02
N LEU A 475 -15.40 30.66 -0.25
CA LEU A 475 -14.02 30.62 0.28
C LEU A 475 -13.10 31.61 -0.45
N GLY A 476 -13.38 31.89 -1.72
CA GLY A 476 -12.64 32.90 -2.47
C GLY A 476 -12.78 34.27 -1.85
N GLU A 477 -13.95 34.55 -1.29
CA GLU A 477 -14.13 35.84 -0.63
C GLU A 477 -13.52 35.82 0.76
N ILE A 478 -13.72 34.71 1.48
CA ILE A 478 -13.15 34.62 2.84
C ILE A 478 -11.62 34.74 2.85
N SER A 479 -10.96 34.13 1.87
CA SER A 479 -9.49 34.18 1.86
C SER A 479 -8.97 35.62 1.77
N LYS A 480 -9.77 36.51 1.20
CA LYS A 480 -9.39 37.93 1.11
C LYS A 480 -9.39 38.66 2.47
N ARG A 481 -10.00 38.05 3.48
CA ARG A 481 -10.03 38.67 4.81
C ARG A 481 -9.50 37.73 5.89
N ALA A 482 -8.63 36.81 5.49
CA ALA A 482 -8.16 35.76 6.39
C ALA A 482 -6.76 36.00 6.94
N GLY A 483 -6.19 37.17 6.69
CA GLY A 483 -4.95 37.55 7.32
C GLY A 483 -3.85 36.56 7.03
N GLU A 484 -3.14 36.16 8.09
CA GLU A 484 -2.01 35.26 7.95
C GLU A 484 -2.42 33.84 7.57
N TYR A 485 -3.71 33.54 7.58
CA TYR A 485 -4.18 32.20 7.25
C TYR A 485 -4.82 32.11 5.88
N ALA A 486 -4.71 33.17 5.06
CA ALA A 486 -5.36 33.19 3.74
C ALA A 486 -4.99 31.97 2.91
N TYR A 487 -3.73 31.55 3.00
CA TYR A 487 -3.23 30.42 2.22
C TYR A 487 -4.08 29.15 2.41
N ILE A 488 -4.59 28.90 3.63
CA ILE A 488 -5.34 27.66 3.84
C ILE A 488 -6.73 27.76 3.25
N PHE A 489 -7.24 28.98 3.17
CA PHE A 489 -8.55 29.17 2.55
C PHE A 489 -8.47 29.13 1.00
N GLU A 490 -7.39 29.66 0.44
CA GLU A 490 -7.08 29.51 -1.00
C GLU A 490 -7.00 28.05 -1.41
N THR A 491 -6.29 27.23 -0.63
CA THR A 491 -6.26 25.79 -0.90
C THR A 491 -7.67 25.23 -0.97
N GLN A 492 -8.51 25.56 0.01
CA GLN A 492 -9.88 25.03 0.03
C GLN A 492 -10.75 25.60 -1.10
N ALA A 493 -10.58 26.88 -1.43
CA ALA A 493 -11.35 27.41 -2.57
C ALA A 493 -11.02 26.62 -3.83
N GLN A 494 -9.73 26.43 -4.08
CA GLN A 494 -9.32 25.66 -5.25
C GLN A 494 -9.86 24.20 -5.25
N LEU A 495 -9.77 23.53 -4.10
CA LEU A 495 -10.25 22.15 -4.00
C LEU A 495 -11.73 22.08 -4.34
N ASN A 496 -12.54 22.95 -3.75
CA ASN A 496 -13.97 22.91 -4.02
C ASN A 496 -14.26 23.12 -5.52
N ALA A 497 -13.58 24.09 -6.13
CA ALA A 497 -13.77 24.37 -7.57
C ALA A 497 -13.41 23.13 -8.43
N LEU A 498 -12.30 22.49 -8.08
CA LEU A 498 -11.82 21.30 -8.75
C LEU A 498 -12.82 20.15 -8.62
N LEU A 499 -13.35 19.96 -7.42
CA LEU A 499 -14.34 18.90 -7.18
C LEU A 499 -15.60 19.11 -8.03
N ALA A 500 -16.04 20.35 -8.14
CA ALA A 500 -17.24 20.63 -8.94
C ALA A 500 -17.01 20.21 -10.39
N LEU A 501 -15.87 20.60 -10.97
CA LEU A 501 -15.58 20.26 -12.38
C LEU A 501 -15.32 18.77 -12.53
N LYS A 502 -14.61 18.19 -11.57
CA LYS A 502 -14.37 16.73 -11.60
C LYS A 502 -15.65 15.89 -11.61
N ILE A 503 -16.65 16.30 -10.83
CA ILE A 503 -17.94 15.62 -10.83
C ILE A 503 -18.60 15.79 -12.19
N SER A 504 -18.60 17.02 -12.67
CA SER A 504 -19.27 17.34 -13.94
C SER A 504 -18.75 16.41 -15.06
N ILE A 505 -17.42 16.30 -15.16
CA ILE A 505 -16.80 15.49 -16.18
C ILE A 505 -17.02 14.00 -15.95
N THR A 506 -16.77 13.55 -14.73
CA THR A 506 -16.84 12.11 -14.43
C THR A 506 -18.26 11.58 -14.61
N SER A 507 -19.23 12.28 -14.05
CA SER A 507 -20.62 11.88 -14.16
C SER A 507 -21.10 12.08 -15.61
N GLY A 508 -20.63 13.14 -16.26
CA GLY A 508 -20.99 13.43 -17.65
C GLY A 508 -20.51 12.33 -18.61
N ILE A 509 -19.31 11.83 -18.37
CA ILE A 509 -18.79 10.71 -19.14
C ILE A 509 -19.65 9.45 -18.99
N GLN A 510 -20.06 9.13 -17.76
CA GLN A 510 -20.83 7.92 -17.50
C GLN A 510 -22.11 8.02 -18.30
N LYS A 511 -22.77 9.18 -18.24
CA LYS A 511 -24.08 9.37 -18.87
C LYS A 511 -23.95 9.34 -20.38
N ALA A 512 -23.05 10.13 -20.92
CA ALA A 512 -22.86 10.21 -22.36
C ALA A 512 -22.42 8.87 -22.96
N TYR A 513 -21.53 8.16 -22.28
CA TYR A 513 -21.10 6.87 -22.82
C TYR A 513 -22.25 5.89 -22.90
N ARG A 514 -23.03 5.80 -21.82
CA ARG A 514 -24.18 4.89 -21.76
C ARG A 514 -25.19 5.22 -22.86
N ASN A 515 -25.31 6.49 -23.21
CA ASN A 515 -26.20 6.93 -24.30
C ASN A 515 -25.60 6.89 -25.68
N GLY A 516 -24.32 6.57 -25.78
CA GLY A 516 -23.65 6.53 -27.07
C GLY A 516 -23.41 7.88 -27.70
N ASP A 517 -23.38 8.93 -26.88
CA ASP A 517 -23.25 10.31 -27.37
C ASP A 517 -21.80 10.71 -27.53
N LYS A 518 -21.22 10.31 -28.64
CA LYS A 518 -19.83 10.68 -28.93
C LYS A 518 -19.62 12.18 -29.08
N GLU A 519 -20.64 12.93 -29.49
CA GLU A 519 -20.48 14.39 -29.59
C GLU A 519 -20.20 15.02 -28.22
N HIS A 520 -20.92 14.56 -27.20
CA HIS A 520 -20.72 15.08 -25.84
C HIS A 520 -19.40 14.61 -25.26
N LEU A 521 -19.06 13.34 -25.46
CA LEU A 521 -17.74 12.86 -25.04
C LEU A 521 -16.62 13.66 -25.66
N SER A 522 -16.77 14.03 -26.93
CA SER A 522 -15.74 14.79 -27.63
C SER A 522 -15.59 16.16 -26.99
N ALA A 523 -16.74 16.78 -26.72
CA ALA A 523 -16.76 18.06 -26.02
C ALA A 523 -15.97 18.00 -24.70
N LEU A 524 -16.20 16.95 -23.92
CA LEU A 524 -15.51 16.75 -22.66
C LEU A 524 -14.02 16.53 -22.89
N ALA A 525 -13.68 15.57 -23.74
CA ALA A 525 -12.28 15.28 -24.02
C ALA A 525 -11.45 16.50 -24.42
N GLU A 526 -12.00 17.37 -25.26
CA GLU A 526 -11.19 18.42 -25.86
C GLU A 526 -11.17 19.75 -25.10
N LYS A 527 -12.25 20.05 -24.36
CA LYS A 527 -12.34 21.29 -23.56
C LYS A 527 -12.23 21.08 -22.04
N ASP A 528 -13.06 20.21 -21.47
CA ASP A 528 -13.12 20.04 -20.00
C ASP A 528 -11.90 19.32 -19.44
N PHE A 529 -11.39 18.33 -20.17
CA PHE A 529 -10.23 17.61 -19.71
C PHE A 529 -8.98 18.47 -19.50
N PRO A 530 -8.58 19.29 -20.50
CA PRO A 530 -7.45 20.20 -20.26
C PRO A 530 -7.68 21.11 -19.05
N GLN A 531 -8.90 21.59 -18.87
CA GLN A 531 -9.23 22.44 -17.74
C GLN A 531 -9.02 21.70 -16.40
N LEU A 532 -9.58 20.50 -16.31
CA LEU A 532 -9.41 19.68 -15.11
C LEU A 532 -7.94 19.39 -14.84
N TYR A 533 -7.18 19.00 -15.86
CA TYR A 533 -5.76 18.67 -15.64
C TYR A 533 -5.01 19.91 -15.11
N GLN A 534 -5.29 21.09 -15.68
CA GLN A 534 -4.68 22.32 -15.20
C GLN A 534 -5.10 22.63 -13.77
N MET A 535 -6.37 22.40 -13.43
CA MET A 535 -6.85 22.68 -12.08
C MET A 535 -6.15 21.79 -11.06
N VAL A 536 -5.90 20.54 -11.46
CA VAL A 536 -5.17 19.61 -10.58
C VAL A 536 -3.72 20.08 -10.39
N GLU A 537 -3.07 20.45 -11.48
CA GLU A 537 -1.70 20.99 -11.39
C GLU A 537 -1.67 22.22 -10.51
N ASP A 538 -2.61 23.14 -10.72
CA ASP A 538 -2.64 24.36 -9.92
C ASP A 538 -2.93 24.06 -8.43
N PHE A 539 -3.83 23.10 -8.18
CA PHE A 539 -4.11 22.66 -6.81
C PHE A 539 -2.86 22.07 -6.16
N SER A 540 -2.14 21.23 -6.91
CA SER A 540 -0.88 20.67 -6.40
C SER A 540 0.09 21.76 -6.00
N ASP A 541 0.19 22.79 -6.84
CA ASP A 541 1.08 23.90 -6.54
C ASP A 541 0.70 24.63 -5.25
N GLN A 542 -0.60 24.91 -5.09
CA GLN A 542 -1.08 25.62 -3.93
C GLN A 542 -0.90 24.75 -2.69
N PHE A 543 -1.31 23.49 -2.79
CA PHE A 543 -1.11 22.57 -1.68
C PHE A 543 0.37 22.51 -1.26
N SER A 544 1.27 22.48 -2.23
CA SER A 544 2.71 22.40 -1.92
C SER A 544 3.15 23.68 -1.19
N ARG A 545 2.59 24.84 -1.54
CA ARG A 545 2.88 26.09 -0.80
C ARG A 545 2.44 25.94 0.67
N GLN A 546 1.24 25.43 0.84
CA GLN A 546 0.65 25.24 2.16
C GLN A 546 1.54 24.31 2.99
N TRP A 547 1.89 23.20 2.37
CA TRP A 547 2.66 22.17 3.07
C TRP A 547 4.01 22.75 3.49
N GLN A 548 4.68 23.42 2.57
CA GLN A 548 6.02 23.94 2.88
C GLN A 548 6.00 25.02 3.94
N GLN A 549 4.88 25.75 4.04
CA GLN A 549 4.74 26.78 5.05
C GLN A 549 4.69 26.16 6.44
N GLU A 550 4.08 24.97 6.53
CA GLU A 550 3.73 24.33 7.80
C GLU A 550 4.65 23.19 8.26
N ASN A 551 5.20 22.46 7.31
CA ASN A 551 5.81 21.14 7.53
C ASN A 551 7.22 21.08 6.98
N LYS A 552 8.00 20.12 7.46
CA LYS A 552 9.29 19.79 6.79
C LYS A 552 9.00 19.21 5.39
N ILE A 553 9.99 19.21 4.52
CA ILE A 553 9.73 18.80 3.12
C ILE A 553 9.38 17.30 3.05
N PHE A 554 9.99 16.50 3.93
CA PHE A 554 9.80 15.04 3.93
C PHE A 554 8.32 14.71 4.07
N GLY A 555 7.87 13.75 3.27
CA GLY A 555 6.47 13.34 3.30
C GLY A 555 5.62 14.00 2.22
N LEU A 556 6.04 15.15 1.71
CA LEU A 556 5.36 15.72 0.56
C LEU A 556 5.43 14.76 -0.62
N ASP A 557 6.49 13.96 -0.70
CA ASP A 557 6.67 13.03 -1.80
C ASP A 557 5.51 12.07 -2.02
N THR A 558 4.88 11.61 -0.93
CA THR A 558 3.74 10.71 -1.11
C THR A 558 2.60 11.45 -1.82
N ILE A 559 2.37 12.70 -1.45
CA ILE A 559 1.32 13.48 -2.10
C ILE A 559 1.68 13.78 -3.56
N ASP A 560 2.96 14.04 -3.87
CA ASP A 560 3.37 14.13 -5.26
C ASP A 560 2.98 12.85 -6.05
N ILE A 561 3.21 11.69 -5.42
CA ILE A 561 2.90 10.42 -6.06
C ILE A 561 1.40 10.33 -6.35
N ARG A 562 0.62 10.68 -5.33
CA ARG A 562 -0.83 10.60 -5.44
C ARG A 562 -1.37 11.56 -6.50
N PHE A 563 -0.94 12.82 -6.43
CA PHE A 563 -1.31 13.79 -7.49
C PHE A 563 -0.78 13.40 -8.87
N GLY A 564 0.46 12.96 -8.96
CA GLY A 564 1.00 12.57 -10.27
C GLY A 564 0.21 11.41 -10.84
N GLY A 565 -0.18 10.46 -9.99
CA GLY A 565 -0.97 9.33 -10.47
C GLY A 565 -2.33 9.79 -10.97
N LEU A 566 -2.97 10.69 -10.22
CA LEU A 566 -4.26 11.28 -10.64
C LEU A 566 -4.13 12.00 -12.00
N LEU A 567 -3.09 12.80 -12.16
CA LEU A 567 -2.84 13.45 -13.43
C LEU A 567 -2.66 12.43 -14.57
N LYS A 568 -1.85 11.41 -14.36
CA LYS A 568 -1.66 10.39 -15.40
C LYS A 568 -2.98 9.69 -15.75
N ARG A 569 -3.81 9.48 -14.73
CA ARG A 569 -5.12 8.83 -14.94
C ARG A 569 -6.13 9.74 -15.69
N ILE A 570 -6.01 11.05 -15.52
CA ILE A 570 -6.82 12.01 -16.27
C ILE A 570 -6.39 11.95 -17.73
N LYS A 571 -5.09 11.96 -17.98
CA LYS A 571 -4.58 11.79 -19.34
C LYS A 571 -5.07 10.50 -20.00
N ARG A 572 -5.04 9.39 -19.26
CA ARG A 572 -5.51 8.12 -19.79
C ARG A 572 -6.97 8.20 -20.18
N ALA A 573 -7.77 8.83 -19.32
CA ALA A 573 -9.22 8.96 -19.57
C ALA A 573 -9.45 9.74 -20.87
N GLN A 574 -8.72 10.84 -21.04
CA GLN A 574 -8.76 11.59 -22.31
C GLN A 574 -8.37 10.71 -23.50
N GLU A 575 -7.27 9.98 -23.39
CA GLU A 575 -6.80 9.17 -24.52
C GLU A 575 -7.82 8.08 -24.86
N ARG A 576 -8.33 7.39 -23.85
CA ARG A 576 -9.27 6.30 -24.07
C ARG A 576 -10.53 6.84 -24.73
N LEU A 577 -11.05 7.97 -24.27
CA LEU A 577 -12.22 8.56 -24.93
C LEU A 577 -11.93 8.98 -26.37
N GLU A 578 -10.77 9.57 -26.63
CA GLU A 578 -10.44 9.99 -27.99
C GLU A 578 -10.43 8.78 -28.93
N GLN A 579 -9.89 7.65 -28.46
CA GLN A 579 -9.86 6.41 -29.26
C GLN A 579 -11.22 5.84 -29.55
N PHE A 580 -12.13 5.96 -28.60
CA PHE A 580 -13.52 5.57 -28.82
C PHE A 580 -14.18 6.52 -29.81
N ILE A 581 -14.02 7.83 -29.59
CA ILE A 581 -14.68 8.81 -30.45
C ILE A 581 -14.23 8.66 -31.90
N SER A 582 -12.94 8.41 -32.09
CA SER A 582 -12.36 8.28 -33.44
C SER A 582 -12.66 6.94 -34.12
N GLY A 583 -13.13 5.97 -33.35
CA GLY A 583 -13.41 4.63 -33.87
C GLY A 583 -12.22 3.68 -33.80
N GLN A 584 -11.13 4.10 -33.15
CA GLN A 584 -9.96 3.24 -32.94
C GLN A 584 -10.28 2.02 -32.07
N ILE A 585 -11.19 2.19 -31.11
CA ILE A 585 -11.74 1.09 -30.32
C ILE A 585 -13.26 1.14 -30.37
N ASP A 586 -13.90 -0.02 -30.27
CA ASP A 586 -15.36 -0.11 -30.40
C ASP A 586 -16.08 0.11 -29.09
N CYS A 587 -15.33 0.07 -27.99
CA CYS A 587 -15.93 0.30 -26.67
C CYS A 587 -14.83 0.75 -25.74
N VAL A 588 -15.26 1.35 -24.63
CA VAL A 588 -14.35 1.62 -23.52
C VAL A 588 -14.77 0.69 -22.40
N GLU A 589 -14.02 -0.40 -22.23
CA GLU A 589 -14.47 -1.45 -21.33
C GLU A 589 -14.66 -0.97 -19.89
N GLU A 590 -13.84 -0.01 -19.48
CA GLU A 590 -13.95 0.56 -18.15
C GLU A 590 -15.36 1.09 -17.95
N LEU A 591 -15.87 1.78 -18.97
CA LEU A 591 -17.18 2.44 -18.90
C LEU A 591 -18.36 1.48 -19.08
N GLU A 592 -18.09 0.24 -19.48
CA GLU A 592 -19.12 -0.79 -19.53
C GLU A 592 -19.37 -1.47 -18.19
N GLN A 593 -18.51 -1.26 -17.20
CA GLN A 593 -18.68 -1.89 -15.91
C GLN A 593 -19.73 -1.22 -15.02
N GLU A 594 -20.62 -2.01 -14.41
CA GLU A 594 -21.57 -1.52 -13.42
C GLU A 594 -20.83 -1.01 -12.22
N ILE A 595 -21.11 0.21 -11.80
CA ILE A 595 -20.49 0.73 -10.59
C ILE A 595 -21.32 0.34 -9.36
N LEU A 596 -20.66 -0.22 -8.35
CA LEU A 596 -21.29 -0.70 -7.12
C LEU A 596 -21.03 0.28 -5.99
N PRO A 597 -21.83 0.20 -4.90
CA PRO A 597 -21.49 0.95 -3.70
C PRO A 597 -20.05 0.60 -3.30
N PHE A 598 -19.29 1.61 -2.89
CA PHE A 598 -17.89 1.42 -2.48
C PHE A 598 -17.83 0.70 -1.15
N ASN A 599 -18.76 1.04 -0.26
CA ASN A 599 -18.90 0.34 0.99
C ASN A 599 -20.33 0.46 1.49
N ASP A 600 -20.63 -0.20 2.61
CA ASP A 600 -21.98 -0.11 3.23
C ASP A 600 -21.97 0.46 4.66
N PHE A 601 -20.91 1.19 5.00
CA PHE A 601 -20.74 1.77 6.35
C PHE A 601 -21.95 2.60 6.75
N TYR A 602 -22.51 3.33 5.78
CA TYR A 602 -23.62 4.24 6.08
C TYR A 602 -24.89 3.91 5.28
N LYS A 603 -24.96 2.67 4.82
CA LYS A 603 -26.12 2.20 4.08
C LYS A 603 -27.39 2.30 4.91
N ASP A 604 -27.30 1.89 6.17
CA ASP A 604 -28.49 1.75 7.04
C ASP A 604 -28.91 3.08 7.68
N GLN A 605 -28.11 4.12 7.45
CA GLN A 605 -28.48 5.50 7.73
C GLN A 605 -29.05 6.13 6.46
N GLY A 606 -28.97 5.41 5.35
CA GLY A 606 -29.64 5.80 4.11
C GLY A 606 -29.18 7.02 3.31
N LEU A 607 -28.02 7.59 3.63
CA LEU A 607 -27.53 8.81 2.95
C LEU A 607 -26.75 8.34 1.74
N THR A 608 -26.34 9.25 0.86
CA THR A 608 -25.66 8.86 -0.39
C THR A 608 -24.13 8.86 -0.19
N ALA A 609 -23.64 9.88 0.49
CA ALA A 609 -22.19 9.98 0.77
C ALA A 609 -21.72 8.89 1.74
N THR A 610 -20.39 8.77 1.91
CA THR A 610 -19.86 7.80 2.83
C THR A 610 -18.53 8.27 3.39
N THR A 611 -17.84 7.38 4.11
CA THR A 611 -16.48 7.62 4.55
C THR A 611 -15.56 6.69 3.75
N ALA A 612 -14.51 7.28 3.19
CA ALA A 612 -13.51 6.51 2.48
C ALA A 612 -12.19 7.24 2.63
N ASN A 613 -11.29 6.66 3.42
CA ASN A 613 -10.15 7.43 3.90
C ASN A 613 -8.82 6.70 3.76
N GLN A 614 -8.74 5.79 2.80
CA GLN A 614 -7.45 5.15 2.39
C GLN A 614 -7.25 5.45 0.90
N TRP A 615 -6.26 6.28 0.58
CA TRP A 615 -5.99 6.70 -0.80
C TRP A 615 -5.91 5.52 -1.78
N HIS A 616 -5.15 4.49 -1.41
CA HIS A 616 -4.87 3.38 -2.32
C HIS A 616 -6.12 2.57 -2.64
N LEU A 617 -7.15 2.72 -1.80
CA LEU A 617 -8.43 2.01 -2.02
C LEU A 617 -9.41 2.92 -2.76
N ILE A 618 -9.25 4.23 -2.61
CA ILE A 618 -10.08 5.18 -3.38
C ILE A 618 -9.68 5.14 -4.85
N ALA A 619 -8.37 5.09 -5.12
CA ALA A 619 -7.80 5.40 -6.42
C ALA A 619 -7.83 4.28 -7.43
N THR A 620 -7.96 3.05 -6.96
CA THR A 620 -7.94 1.88 -7.86
C THR A 620 -8.50 0.66 -7.19
N ALA A 621 -9.13 -0.19 -8.00
CA ALA A 621 -9.59 -1.51 -7.59
C ALA A 621 -8.50 -2.56 -7.84
N SER A 622 -7.43 -2.17 -8.51
CA SER A 622 -6.33 -3.08 -8.81
C SER A 622 -5.46 -3.29 -7.55
N THR A 623 -4.50 -4.20 -7.61
CA THR A 623 -3.56 -4.27 -6.53
C THR A 623 -2.55 -3.15 -6.74
N ILE A 624 -1.96 -2.67 -5.65
CA ILE A 624 -0.97 -1.60 -5.73
C ILE A 624 0.10 -1.70 -4.64
N TYR A 625 -0.22 -2.20 -3.44
CA TYR A 625 0.82 -2.41 -2.37
C TYR A 625 1.11 -3.89 -2.09
N THR A 626 0.21 -4.77 -2.52
CA THR A 626 0.37 -6.19 -2.28
C THR A 626 1.16 -6.87 -3.39
N THR A 627 1.72 -8.03 -3.03
CA THR A 627 2.47 -8.87 -3.94
C THR A 627 1.50 -9.73 -4.74
N ALA B 2 2.65 -28.69 -47.44
CA ALA B 2 2.85 -30.12 -47.13
C ALA B 2 1.55 -30.88 -47.29
N THR B 3 1.68 -32.20 -47.34
CA THR B 3 0.59 -33.12 -47.51
C THR B 3 0.62 -34.06 -46.31
N PHE B 4 -0.53 -34.28 -45.69
CA PHE B 4 -0.63 -35.06 -44.45
C PHE B 4 -1.51 -36.29 -44.57
N LEU B 5 -1.03 -37.39 -44.01
CA LEU B 5 -1.71 -38.68 -44.01
C LEU B 5 -1.97 -39.12 -42.58
N GLY B 6 -3.19 -39.58 -42.33
CA GLY B 6 -3.51 -40.21 -41.06
C GLY B 6 -3.99 -39.28 -39.96
N LEU B 7 -4.22 -38.00 -40.29
CA LEU B 7 -4.68 -37.03 -39.31
C LEU B 7 -6.18 -37.06 -39.17
N SER B 8 -6.66 -36.78 -37.97
CA SER B 8 -8.06 -36.53 -37.76
C SER B 8 -8.43 -35.14 -38.30
N SER B 9 -9.71 -34.84 -38.44
CA SER B 9 -10.10 -33.51 -38.88
C SER B 9 -9.55 -32.41 -37.95
N LYS B 10 -9.64 -32.66 -36.65
CA LYS B 10 -9.09 -31.76 -35.63
C LYS B 10 -7.59 -31.49 -35.84
N GLN B 11 -6.83 -32.55 -36.06
CA GLN B 11 -5.40 -32.43 -36.34
C GLN B 11 -5.11 -31.67 -37.64
N GLU B 12 -5.92 -31.91 -38.66
CA GLU B 12 -5.77 -31.15 -39.92
C GLU B 12 -5.89 -29.65 -39.70
N LYS B 13 -6.86 -29.25 -38.88
CA LYS B 13 -7.06 -27.83 -38.64
C LYS B 13 -5.84 -27.25 -37.91
N ALA B 14 -5.30 -28.01 -36.95
CA ALA B 14 -4.15 -27.54 -36.19
C ALA B 14 -2.94 -27.38 -37.09
N LEU B 15 -2.72 -28.32 -38.00
CA LEU B 15 -1.61 -28.18 -38.96
C LEU B 15 -1.71 -26.91 -39.81
N VAL B 16 -2.91 -26.60 -40.27
CA VAL B 16 -3.15 -25.42 -41.04
C VAL B 16 -2.74 -24.21 -40.22
N ARG B 17 -3.15 -24.19 -38.95
CA ARG B 17 -2.86 -23.05 -38.07
C ARG B 17 -1.36 -22.92 -37.75
N LEU B 18 -0.66 -24.05 -37.74
CA LEU B 18 0.76 -24.08 -37.38
C LEU B 18 1.71 -23.98 -38.55
N ASP B 19 1.20 -23.94 -39.79
CA ASP B 19 2.06 -23.83 -40.97
C ASP B 19 2.98 -22.62 -40.88
N LYS B 20 2.48 -21.52 -40.30
CA LYS B 20 3.25 -20.28 -40.20
C LYS B 20 4.48 -20.44 -39.34
N TYR B 21 4.47 -21.44 -38.47
CA TYR B 21 5.62 -21.80 -37.65
C TYR B 21 6.45 -22.91 -38.29
N LEU B 22 5.77 -23.94 -38.77
CA LEU B 22 6.44 -25.17 -39.22
C LEU B 22 7.12 -25.06 -40.59
N ASN B 23 6.51 -24.37 -41.54
CA ASN B 23 7.14 -24.16 -42.85
C ASN B 23 7.64 -25.46 -43.48
N LEU B 24 6.83 -26.50 -43.41
CA LEU B 24 7.26 -27.82 -43.85
C LEU B 24 7.45 -27.91 -45.35
N GLY B 25 6.76 -27.06 -46.09
CA GLY B 25 6.92 -27.03 -47.55
C GLY B 25 6.36 -28.27 -48.24
N GLU B 26 7.02 -28.69 -49.32
CA GLU B 26 6.48 -29.70 -50.21
C GLU B 26 6.97 -31.06 -49.79
N ILE B 27 6.47 -31.52 -48.64
CA ILE B 27 6.82 -32.82 -48.11
C ILE B 27 5.55 -33.52 -47.69
N ALA B 28 5.64 -34.84 -47.54
CA ALA B 28 4.56 -35.66 -47.04
C ALA B 28 4.89 -36.11 -45.63
N VAL B 29 3.94 -35.95 -44.73
CA VAL B 29 4.10 -36.40 -43.35
C VAL B 29 2.99 -37.36 -43.03
N SER B 30 3.34 -38.54 -42.52
CA SER B 30 2.36 -39.60 -42.26
C SER B 30 2.33 -39.93 -40.78
N LEU B 31 1.15 -39.86 -40.19
CA LEU B 31 0.96 -40.15 -38.77
C LEU B 31 0.65 -41.60 -38.62
N VAL B 32 1.56 -42.33 -37.96
CA VAL B 32 1.41 -43.77 -37.74
C VAL B 32 1.03 -44.02 -36.28
N ALA B 36 5.96 -46.71 -29.07
CA ALA B 36 7.11 -47.16 -28.28
C ALA B 36 7.71 -46.03 -27.44
N THR B 37 7.71 -44.82 -28.00
CA THR B 37 8.28 -43.66 -27.33
C THR B 37 7.34 -42.49 -27.47
N SER B 38 7.52 -41.50 -26.61
CA SER B 38 6.69 -40.32 -26.62
C SER B 38 6.60 -39.73 -28.03
N ILE B 39 7.76 -39.57 -28.65
CA ILE B 39 7.82 -39.01 -30.01
C ILE B 39 8.79 -39.79 -30.87
N LYS B 40 8.42 -40.03 -32.12
CA LYS B 40 9.36 -40.52 -33.10
C LYS B 40 9.17 -39.79 -34.40
N VAL B 41 10.26 -39.35 -35.02
CA VAL B 41 10.22 -38.79 -36.36
C VAL B 41 11.27 -39.51 -37.21
N GLU B 42 10.84 -40.01 -38.37
CA GLU B 42 11.69 -40.81 -39.23
C GLU B 42 11.33 -40.67 -40.70
N GLY B 43 12.33 -40.31 -41.51
CA GLY B 43 12.16 -40.29 -42.96
C GLY B 43 13.29 -39.66 -43.70
N ARG B 44 13.09 -39.49 -45.00
CA ARG B 44 14.05 -38.88 -45.89
C ARG B 44 13.34 -38.55 -47.22
N GLN B 45 13.96 -37.68 -48.00
CA GLN B 45 13.54 -37.45 -49.38
C GLN B 45 12.07 -37.09 -49.44
N GLY B 46 11.70 -36.15 -48.58
CA GLY B 46 10.37 -35.59 -48.58
C GLY B 46 9.24 -36.44 -48.07
N TYR B 47 9.56 -37.56 -47.41
CA TYR B 47 8.53 -38.39 -46.76
C TYR B 47 8.96 -38.70 -45.34
N TYR B 48 8.10 -38.36 -44.37
CA TYR B 48 8.42 -38.56 -42.95
C TYR B 48 7.25 -39.15 -42.20
N GLN B 49 7.56 -40.09 -41.32
CA GLN B 49 6.57 -40.67 -40.45
C GLN B 49 6.76 -40.08 -39.08
N VAL B 50 5.64 -39.75 -38.44
CA VAL B 50 5.64 -39.27 -37.07
C VAL B 50 4.69 -40.12 -36.24
N SER B 51 5.02 -40.24 -34.96
CA SER B 51 4.14 -40.90 -34.02
C SER B 51 4.31 -40.26 -32.65
N TYR B 52 3.27 -40.41 -31.85
CA TYR B 52 3.25 -39.85 -30.49
C TYR B 52 2.63 -40.84 -29.53
N LYS B 53 2.87 -40.61 -28.22
CA LYS B 53 2.14 -41.31 -27.17
C LYS B 53 0.91 -40.53 -26.77
N GLN B 54 1.09 -39.23 -26.53
CA GLN B 54 -0.04 -38.33 -26.19
C GLN B 54 -0.34 -37.43 -27.40
N PRO B 55 -1.63 -37.27 -27.77
CA PRO B 55 -1.95 -36.49 -28.97
C PRO B 55 -1.30 -35.12 -29.09
N HIS B 56 -1.19 -34.37 -28.00
CA HIS B 56 -0.58 -33.03 -28.11
C HIS B 56 0.88 -33.12 -28.56
N GLN B 57 1.53 -34.26 -28.32
CA GLN B 57 2.94 -34.44 -28.68
C GLN B 57 3.15 -34.46 -30.19
N LEU B 58 2.07 -34.61 -30.94
CA LEU B 58 2.12 -34.40 -32.39
C LEU B 58 2.79 -33.08 -32.74
N TYR B 59 2.46 -32.02 -32.00
CA TYR B 59 2.90 -30.70 -32.37
C TYR B 59 4.37 -30.45 -32.05
N ARG B 60 4.85 -31.06 -30.95
CA ARG B 60 6.31 -31.06 -30.74
C ARG B 60 7.01 -31.90 -31.80
N ALA B 61 6.46 -33.08 -32.11
CA ALA B 61 7.08 -33.91 -33.13
C ALA B 61 7.25 -33.18 -34.45
N LEU B 62 6.24 -32.44 -34.88
CA LEU B 62 6.33 -31.67 -36.10
C LEU B 62 7.34 -30.51 -35.98
N ALA B 63 7.44 -29.91 -34.79
CA ALA B 63 8.48 -28.93 -34.51
C ALA B 63 9.86 -29.53 -34.69
N LEU B 64 10.08 -30.73 -34.18
CA LEU B 64 11.38 -31.39 -34.30
C LEU B 64 11.70 -31.60 -35.77
N LEU B 65 10.71 -32.04 -36.53
CA LEU B 65 10.89 -32.27 -37.97
C LEU B 65 11.22 -30.96 -38.66
N SER B 66 10.42 -29.93 -38.40
CA SER B 66 10.65 -28.62 -38.95
C SER B 66 12.07 -28.13 -38.68
N ALA B 67 12.51 -28.26 -37.43
CA ALA B 67 13.85 -27.81 -37.05
C ALA B 67 14.95 -28.57 -37.77
N ALA B 68 14.78 -29.87 -37.88
CA ALA B 68 15.73 -30.74 -38.58
C ALA B 68 15.86 -30.29 -40.04
N LEU B 69 14.72 -30.02 -40.67
CA LEU B 69 14.73 -29.63 -42.08
C LEU B 69 15.35 -28.26 -42.27
N ARG B 70 15.00 -27.32 -41.38
CA ARG B 70 15.53 -25.97 -41.47
C ARG B 70 17.04 -25.95 -41.25
N SER B 71 17.54 -26.94 -40.52
CA SER B 71 18.99 -27.11 -40.33
C SER B 71 19.71 -27.76 -41.51
N GLY B 72 18.97 -28.14 -42.55
CA GLY B 72 19.54 -28.71 -43.77
C GLY B 72 19.55 -30.22 -43.83
N GLN B 73 18.93 -30.90 -42.87
CA GLN B 73 18.83 -32.36 -42.89
C GLN B 73 17.85 -32.81 -43.96
N ASP B 74 18.17 -33.92 -44.61
CA ASP B 74 17.20 -34.59 -45.47
C ASP B 74 16.69 -35.79 -44.71
N GLU B 75 17.60 -36.68 -44.35
CA GLU B 75 17.26 -37.83 -43.54
C GLU B 75 17.13 -37.37 -42.10
N VAL B 76 16.01 -37.74 -41.49
CA VAL B 76 15.70 -37.35 -40.12
C VAL B 76 15.36 -38.61 -39.34
N GLN B 77 15.94 -38.72 -38.15
CA GLN B 77 15.76 -39.88 -37.30
C GLN B 77 15.86 -39.40 -35.85
N ILE B 78 14.70 -39.13 -35.25
CA ILE B 78 14.63 -38.54 -33.92
C ILE B 78 13.69 -39.36 -33.06
N GLU B 79 14.12 -39.66 -31.83
CA GLU B 79 13.26 -40.31 -30.83
C GLU B 79 13.41 -39.54 -29.53
N GLU B 80 12.30 -39.28 -28.86
CA GLU B 80 12.33 -38.71 -27.50
C GLU B 80 11.43 -39.50 -26.57
N GLU B 81 11.83 -39.63 -25.30
CA GLU B 81 10.96 -40.18 -24.25
C GLU B 81 10.86 -39.13 -23.14
N ALA B 82 9.65 -38.62 -22.94
CA ALA B 82 9.40 -37.52 -22.01
C ALA B 82 9.47 -38.07 -20.62
N ALA B 83 10.07 -37.30 -19.71
CA ALA B 83 10.20 -37.69 -18.31
C ALA B 83 8.92 -37.52 -17.54
N TYR B 84 8.04 -36.65 -18.02
CA TYR B 84 6.87 -36.23 -17.28
C TYR B 84 5.62 -36.51 -18.10
N GLU B 85 4.60 -37.05 -17.43
CA GLU B 85 3.31 -37.32 -18.03
C GLU B 85 2.63 -36.00 -18.37
N ASP B 86 2.83 -35.00 -17.53
CA ASP B 86 2.25 -33.69 -17.76
C ASP B 86 3.27 -32.62 -17.60
N LEU B 87 3.24 -31.67 -18.53
CA LEU B 87 4.11 -30.50 -18.45
C LEU B 87 3.22 -29.31 -18.71
N ALA B 88 3.12 -28.43 -17.71
CA ALA B 88 2.19 -27.31 -17.76
C ALA B 88 2.89 -25.98 -17.69
N TYR B 89 2.28 -24.96 -18.31
CA TYR B 89 2.64 -23.56 -18.07
C TYR B 89 1.47 -22.85 -17.43
N MET B 90 1.73 -22.18 -16.30
CA MET B 90 0.73 -21.38 -15.58
C MET B 90 1.07 -19.90 -15.66
N ALA B 91 0.23 -19.12 -16.32
CA ALA B 91 0.36 -17.64 -16.37
C ALA B 91 -0.40 -17.00 -15.23
N ASP B 92 0.20 -15.98 -14.64
CA ASP B 92 -0.47 -15.21 -13.60
C ASP B 92 -1.49 -14.26 -14.24
N CYS B 93 -2.74 -14.33 -13.80
CA CYS B 93 -3.80 -13.40 -14.21
C CYS B 93 -4.42 -12.67 -12.99
N SER B 94 -3.64 -12.61 -11.90
CA SER B 94 -4.12 -12.05 -10.64
C SER B 94 -3.28 -10.86 -10.14
N ARG B 95 -2.16 -10.57 -10.83
CA ARG B 95 -1.26 -9.54 -10.38
C ARG B 95 -1.47 -8.21 -11.15
N ASN B 96 -2.68 -8.05 -11.72
CA ASN B 96 -3.15 -6.87 -12.47
C ASN B 96 -3.20 -7.10 -13.98
N ALA B 97 -2.35 -7.98 -14.49
CA ALA B 97 -2.29 -8.29 -15.90
C ALA B 97 -3.13 -9.55 -16.19
N VAL B 98 -4.28 -9.36 -16.81
CA VAL B 98 -5.15 -10.45 -17.20
C VAL B 98 -4.97 -10.71 -18.70
N LEU B 99 -4.40 -11.86 -19.01
CA LEU B 99 -4.07 -12.22 -20.38
C LEU B 99 -5.29 -12.16 -21.27
N ASN B 100 -5.18 -11.49 -22.40
CA ASN B 100 -6.33 -11.39 -23.29
C ASN B 100 -6.50 -12.61 -24.20
N LEU B 101 -7.67 -12.75 -24.82
CA LEU B 101 -7.98 -13.99 -25.53
C LEU B 101 -7.01 -14.20 -26.69
N SER B 102 -6.70 -13.15 -27.42
CA SER B 102 -5.78 -13.26 -28.54
C SER B 102 -4.39 -13.73 -28.10
N SER B 103 -3.90 -13.18 -26.99
CA SER B 103 -2.59 -13.58 -26.46
C SER B 103 -2.60 -15.01 -25.89
N ALA B 104 -3.69 -15.42 -25.29
CA ALA B 104 -3.83 -16.81 -24.80
C ALA B 104 -3.73 -17.79 -25.96
N LYS B 105 -4.39 -17.47 -27.07
CA LYS B 105 -4.38 -18.33 -28.24
C LYS B 105 -2.97 -18.47 -28.79
N LYS B 106 -2.26 -17.35 -28.93
CA LYS B 106 -0.87 -17.35 -29.37
C LYS B 106 0.02 -18.17 -28.47
N MET B 107 -0.11 -17.95 -27.15
CA MET B 107 0.70 -18.67 -26.20
C MET B 107 0.45 -20.18 -26.34
N ILE B 108 -0.82 -20.57 -26.49
CA ILE B 108 -1.18 -21.99 -26.61
C ILE B 108 -0.54 -22.61 -27.83
N GLU B 109 -0.55 -21.89 -28.96
CA GLU B 109 0.15 -22.39 -30.16
C GLU B 109 1.60 -22.70 -29.87
N VAL B 110 2.27 -21.75 -29.21
CA VAL B 110 3.68 -21.88 -28.92
C VAL B 110 3.95 -23.05 -27.96
N LEU B 111 3.14 -23.13 -26.91
CA LEU B 111 3.28 -24.19 -25.92
C LEU B 111 3.08 -25.57 -26.57
N ALA B 112 2.11 -25.68 -27.48
CA ALA B 112 1.88 -26.93 -28.20
C ALA B 112 3.11 -27.34 -28.96
N LEU B 113 3.71 -26.40 -29.67
CA LEU B 113 4.94 -26.70 -30.42
C LEU B 113 6.11 -27.08 -29.50
N MET B 114 6.14 -26.52 -28.30
CA MET B 114 7.26 -26.86 -27.40
C MET B 114 7.07 -28.22 -26.74
N GLY B 115 5.83 -28.66 -26.59
CA GLY B 115 5.55 -29.94 -25.97
C GLY B 115 4.78 -29.94 -24.66
N TYR B 116 4.25 -28.78 -24.24
CA TYR B 116 3.45 -28.71 -23.02
C TYR B 116 2.09 -29.40 -23.25
N SER B 117 1.64 -30.12 -22.23
CA SER B 117 0.39 -30.83 -22.27
C SER B 117 -0.78 -30.00 -21.78
N THR B 118 -0.47 -28.91 -21.06
CA THR B 118 -1.45 -28.23 -20.22
C THR B 118 -1.18 -26.73 -20.12
N PHE B 119 -2.26 -25.95 -20.17
CA PHE B 119 -2.17 -24.51 -19.98
C PHE B 119 -2.99 -24.20 -18.75
N GLU B 120 -2.44 -23.31 -17.90
CA GLU B 120 -3.07 -22.91 -16.65
C GLU B 120 -3.05 -21.39 -16.50
N LEU B 121 -4.11 -20.89 -15.85
CA LEU B 121 -4.20 -19.48 -15.51
C LEU B 121 -4.45 -19.38 -14.01
N TYR B 122 -3.68 -18.51 -13.36
CA TYR B 122 -3.78 -18.30 -11.92
C TYR B 122 -4.68 -17.11 -11.65
N MET B 123 -5.86 -17.41 -11.09
CA MET B 123 -6.96 -16.47 -10.90
C MET B 123 -7.46 -16.49 -9.45
N GLU B 124 -7.02 -15.50 -8.67
CA GLU B 124 -7.42 -15.35 -7.30
C GLU B 124 -8.86 -14.89 -7.27
N ASP B 125 -9.09 -13.74 -7.86
CA ASP B 125 -10.44 -13.11 -7.88
C ASP B 125 -10.87 -12.79 -9.31
N THR B 126 -10.05 -13.16 -10.31
CA THR B 126 -10.26 -12.72 -11.69
C THR B 126 -11.10 -13.67 -12.57
N TYR B 127 -12.21 -14.13 -11.97
CA TYR B 127 -13.27 -14.83 -12.70
C TYR B 127 -14.60 -14.48 -12.06
N GLU B 128 -15.70 -14.75 -12.75
CA GLU B 128 -17.03 -14.38 -12.24
C GLU B 128 -17.70 -15.49 -11.46
N ILE B 129 -18.31 -15.12 -10.34
CA ILE B 129 -19.10 -16.03 -9.51
C ILE B 129 -20.47 -15.40 -9.34
N GLU B 130 -21.51 -16.18 -9.63
CA GLU B 130 -22.89 -15.75 -9.46
C GLU B 130 -23.13 -15.19 -8.06
N ASN B 131 -23.83 -14.05 -8.02
CA ASN B 131 -24.19 -13.37 -6.76
C ASN B 131 -22.99 -12.92 -5.92
N GLN B 132 -21.84 -12.76 -6.57
CA GLN B 132 -20.65 -12.19 -5.91
C GLN B 132 -20.15 -11.00 -6.72
N PRO B 133 -20.88 -9.90 -6.68
CA PRO B 133 -20.52 -8.79 -7.55
C PRO B 133 -19.18 -8.10 -7.28
N TYR B 134 -18.69 -8.23 -6.05
CA TYR B 134 -17.39 -7.61 -5.68
C TYR B 134 -16.23 -8.51 -6.05
N PHE B 135 -16.51 -9.77 -6.39
CA PHE B 135 -15.43 -10.75 -6.66
C PHE B 135 -14.90 -10.46 -8.06
N GLY B 136 -13.70 -9.87 -8.15
CA GLY B 136 -13.15 -9.42 -9.41
C GLY B 136 -13.65 -8.10 -10.00
N TYR B 137 -14.33 -7.31 -9.15
CA TYR B 137 -14.91 -6.03 -9.54
C TYR B 137 -13.83 -5.07 -10.02
N PHE B 138 -13.97 -4.61 -11.25
CA PHE B 138 -13.01 -3.70 -11.94
C PHE B 138 -11.61 -4.30 -12.14
N ARG B 139 -11.52 -5.63 -12.06
CA ARG B 139 -10.23 -6.32 -12.23
C ARG B 139 -10.01 -6.95 -13.62
N GLY B 140 -11.01 -6.88 -14.51
CA GLY B 140 -10.95 -7.60 -15.75
C GLY B 140 -11.21 -9.09 -15.59
N ARG B 141 -12.05 -9.44 -14.63
CA ARG B 141 -12.35 -10.85 -14.36
C ARG B 141 -12.84 -11.52 -15.64
N TYR B 142 -12.48 -12.79 -15.82
CA TYR B 142 -12.92 -13.54 -16.96
C TYR B 142 -14.38 -13.93 -16.82
N THR B 143 -15.11 -13.79 -17.91
CA THR B 143 -16.42 -14.42 -17.97
C THR B 143 -16.28 -15.93 -18.22
N VAL B 144 -17.32 -16.67 -17.89
CA VAL B 144 -17.40 -18.10 -18.22
C VAL B 144 -17.12 -18.29 -19.73
N ALA B 145 -17.72 -17.45 -20.58
CA ALA B 145 -17.49 -17.55 -22.03
C ALA B 145 -16.02 -17.40 -22.39
N GLU B 146 -15.33 -16.48 -21.70
CA GLU B 146 -13.91 -16.27 -21.98
C GLU B 146 -13.06 -17.46 -21.58
N LEU B 147 -13.34 -18.02 -20.42
CA LEU B 147 -12.60 -19.20 -20.01
C LEU B 147 -12.86 -20.39 -20.94
N GLN B 148 -14.12 -20.55 -21.35
CA GLN B 148 -14.48 -21.63 -22.27
C GLN B 148 -13.73 -21.48 -23.58
N GLU B 149 -13.64 -20.24 -24.09
CA GLU B 149 -12.95 -19.97 -25.34
C GLU B 149 -11.47 -20.32 -25.22
N ILE B 150 -10.86 -19.98 -24.09
CA ILE B 150 -9.44 -20.26 -23.89
C ILE B 150 -9.21 -21.78 -23.78
N GLU B 151 -10.02 -22.45 -22.97
CA GLU B 151 -9.95 -23.92 -22.82
C GLU B 151 -10.12 -24.59 -24.18
N ASP B 152 -11.09 -24.12 -24.95
CA ASP B 152 -11.38 -24.74 -26.26
C ASP B 152 -10.18 -24.61 -27.21
N TYR B 153 -9.49 -23.48 -27.16
CA TYR B 153 -8.35 -23.31 -28.03
C TYR B 153 -7.24 -24.28 -27.61
N ALA B 154 -6.98 -24.43 -26.32
CA ALA B 154 -6.06 -25.46 -25.87
C ALA B 154 -6.47 -26.84 -26.37
N ALA B 155 -7.76 -27.14 -26.21
CA ALA B 155 -8.31 -28.43 -26.63
C ALA B 155 -8.10 -28.68 -28.12
N ASP B 156 -8.11 -27.61 -28.92
CA ASP B 156 -7.88 -27.79 -30.37
C ASP B 156 -6.50 -28.39 -30.65
N PHE B 157 -5.57 -28.23 -29.71
CA PHE B 157 -4.22 -28.83 -29.80
C PHE B 157 -4.06 -30.04 -28.87
N ASP B 158 -5.19 -30.56 -28.38
CA ASP B 158 -5.17 -31.68 -27.46
C ASP B 158 -4.39 -31.36 -26.18
N MET B 159 -4.43 -30.07 -25.79
CA MET B 159 -3.91 -29.63 -24.49
C MET B 159 -5.07 -29.47 -23.52
N SER B 160 -4.81 -29.79 -22.25
CA SER B 160 -5.79 -29.60 -21.17
C SER B 160 -5.67 -28.19 -20.59
N PHE B 161 -6.69 -27.80 -19.83
CA PHE B 161 -6.69 -26.51 -19.19
C PHE B 161 -6.94 -26.72 -17.71
N VAL B 162 -6.12 -26.09 -16.86
CA VAL B 162 -6.27 -26.22 -15.42
C VAL B 162 -6.31 -24.87 -14.76
N PRO B 163 -7.49 -24.50 -14.24
CA PRO B 163 -7.50 -23.25 -13.54
C PRO B 163 -6.77 -23.39 -12.21
N CYS B 164 -6.02 -22.37 -11.85
CA CYS B 164 -5.39 -22.29 -10.53
C CYS B 164 -6.04 -21.16 -9.78
N ILE B 165 -6.81 -21.53 -8.74
CA ILE B 165 -7.60 -20.55 -7.98
C ILE B 165 -7.11 -20.44 -6.52
N GLN B 166 -7.85 -19.69 -5.71
CA GLN B 166 -7.59 -19.61 -4.28
C GLN B 166 -8.82 -19.92 -3.45
N THR B 167 -8.64 -20.85 -2.53
CA THR B 167 -9.69 -21.25 -1.62
C THR B 167 -9.32 -20.95 -0.14
N LEU B 168 -8.27 -20.18 0.11
CA LEU B 168 -7.90 -19.82 1.47
C LEU B 168 -7.33 -18.40 1.59
N ALA B 169 -6.11 -18.21 1.09
CA ALA B 169 -5.45 -16.91 1.15
C ALA B 169 -5.15 -16.35 -0.25
N HIS B 170 -4.33 -15.31 -0.31
CA HIS B 170 -4.09 -14.61 -1.57
C HIS B 170 -5.39 -14.12 -2.23
N LEU B 171 -6.28 -13.59 -1.40
CA LEU B 171 -7.52 -12.97 -1.88
C LEU B 171 -7.66 -11.50 -1.50
N SER B 172 -6.52 -10.79 -1.42
CA SER B 172 -6.54 -9.40 -1.00
C SER B 172 -7.47 -8.52 -1.86
N ALA B 173 -7.56 -8.80 -3.15
CA ALA B 173 -8.31 -7.92 -4.04
C ALA B 173 -9.81 -8.10 -3.89
N PHE B 174 -10.22 -9.20 -3.27
CA PHE B 174 -11.63 -9.41 -2.98
C PHE B 174 -11.96 -8.89 -1.60
N VAL B 175 -11.18 -9.31 -0.58
CA VAL B 175 -11.52 -8.99 0.81
C VAL B 175 -11.34 -7.51 1.23
N LYS B 176 -10.80 -6.67 0.34
CA LYS B 176 -10.67 -5.25 0.61
C LYS B 176 -12.02 -4.51 0.65
N TRP B 177 -13.05 -5.14 0.06
CA TRP B 177 -14.34 -4.46 -0.12
C TRP B 177 -15.13 -4.40 1.19
N GLY B 178 -15.42 -3.15 1.62
CA GLY B 178 -16.08 -2.85 2.88
C GLY B 178 -17.56 -3.03 2.76
N ILE B 179 -17.93 -4.29 2.55
CA ILE B 179 -19.31 -4.75 2.36
C ILE B 179 -19.51 -5.89 3.35
N LYS B 180 -20.63 -5.88 4.08
CA LYS B 180 -20.80 -6.83 5.20
C LYS B 180 -20.63 -8.29 4.74
N GLU B 181 -21.17 -8.57 3.57
CA GLU B 181 -21.15 -9.91 2.98
C GLU B 181 -19.78 -10.35 2.49
N VAL B 182 -18.87 -9.39 2.36
CA VAL B 182 -17.48 -9.72 2.06
C VAL B 182 -16.71 -9.79 3.36
N GLN B 183 -16.89 -8.81 4.24
CA GLN B 183 -16.10 -8.76 5.46
C GLN B 183 -16.34 -9.96 6.38
N GLU B 184 -17.56 -10.51 6.33
CA GLU B 184 -17.93 -11.66 7.15
C GLU B 184 -17.23 -12.96 6.73
N LEU B 185 -16.57 -12.94 5.57
CA LEU B 185 -15.86 -14.09 5.04
C LEU B 185 -14.41 -14.12 5.49
N ARG B 186 -13.98 -13.13 6.28
CA ARG B 186 -12.53 -12.94 6.56
C ARG B 186 -12.05 -13.47 7.90
N ASP B 187 -10.83 -14.04 7.90
CA ASP B 187 -10.10 -14.35 9.13
C ASP B 187 -9.24 -13.18 9.53
N VAL B 188 -8.27 -12.88 8.66
CA VAL B 188 -7.23 -11.90 8.94
C VAL B 188 -6.48 -11.65 7.61
N GLU B 189 -6.01 -10.42 7.41
CA GLU B 189 -5.21 -10.10 6.25
C GLU B 189 -5.91 -10.59 4.97
N ASP B 190 -5.27 -11.44 4.18
CA ASP B 190 -5.79 -11.88 2.88
C ASP B 190 -6.40 -13.27 2.97
N ILE B 191 -6.78 -13.68 4.18
CA ILE B 191 -7.22 -15.07 4.46
C ILE B 191 -8.71 -15.18 4.75
N LEU B 192 -9.36 -16.13 4.08
CA LEU B 192 -10.76 -16.43 4.35
C LEU B 192 -10.90 -17.16 5.69
N LEU B 193 -12.11 -17.10 6.23
CA LEU B 193 -12.43 -17.67 7.54
C LEU B 193 -12.84 -19.14 7.44
N ILE B 194 -11.93 -20.00 7.87
CA ILE B 194 -12.23 -21.42 7.91
C ILE B 194 -13.37 -21.66 8.89
N GLY B 195 -14.22 -22.64 8.56
CA GLY B 195 -15.35 -22.98 9.42
C GLY B 195 -16.59 -22.12 9.25
N GLU B 196 -16.52 -21.09 8.42
CA GLU B 196 -17.65 -20.19 8.22
C GLU B 196 -18.44 -20.67 7.02
N GLU B 197 -19.72 -20.99 7.22
CA GLU B 197 -20.54 -21.52 6.13
C GLU B 197 -20.63 -20.62 4.90
N LYS B 198 -20.68 -19.31 5.10
CA LYS B 198 -20.67 -18.37 3.98
C LYS B 198 -19.38 -18.43 3.13
N VAL B 199 -18.27 -18.85 3.73
CA VAL B 199 -17.03 -19.10 2.99
C VAL B 199 -17.17 -20.35 2.11
N TYR B 200 -17.76 -21.42 2.65
CA TYR B 200 -18.05 -22.61 1.85
C TYR B 200 -19.09 -22.33 0.76
N ASP B 201 -20.04 -21.43 1.02
CA ASP B 201 -20.94 -20.96 -0.02
C ASP B 201 -20.17 -20.28 -1.16
N LEU B 202 -19.22 -19.40 -0.80
CA LEU B 202 -18.36 -18.79 -1.80
C LEU B 202 -17.57 -19.82 -2.58
N ILE B 203 -16.91 -20.73 -1.87
CA ILE B 203 -16.09 -21.75 -2.52
C ILE B 203 -16.93 -22.64 -3.46
N GLU B 204 -18.13 -23.01 -3.03
CA GLU B 204 -19.02 -23.76 -3.91
C GLU B 204 -19.33 -22.93 -5.16
N GLY B 205 -19.50 -21.61 -5.00
CA GLY B 205 -19.68 -20.74 -6.14
C GLY B 205 -18.50 -20.79 -7.11
N MET B 206 -17.29 -20.84 -6.57
CA MET B 206 -16.10 -20.99 -7.41
C MET B 206 -16.21 -22.24 -8.29
N PHE B 207 -16.58 -23.35 -7.68
CA PHE B 207 -16.72 -24.63 -8.38
C PHE B 207 -17.88 -24.63 -9.34
N GLN B 208 -18.98 -23.98 -8.97
CA GLN B 208 -20.06 -23.81 -9.93
C GLN B 208 -19.60 -23.08 -11.21
N THR B 209 -18.82 -22.02 -11.08
CA THR B 209 -18.26 -21.35 -12.25
C THR B 209 -17.36 -22.30 -13.04
N MET B 210 -16.44 -22.96 -12.37
CA MET B 210 -15.48 -23.79 -13.12
C MET B 210 -16.09 -25.02 -13.73
N ALA B 211 -17.21 -25.50 -13.18
CA ALA B 211 -17.91 -26.67 -13.72
C ALA B 211 -18.50 -26.41 -15.11
N HIS B 212 -18.58 -25.14 -15.54
CA HIS B 212 -18.97 -24.82 -16.91
C HIS B 212 -17.90 -25.16 -17.94
N LEU B 213 -16.69 -25.43 -17.45
CA LEU B 213 -15.57 -25.84 -18.28
C LEU B 213 -15.60 -27.34 -18.50
N HIS B 214 -14.85 -27.82 -19.46
CA HIS B 214 -14.73 -29.26 -19.66
C HIS B 214 -13.78 -29.89 -18.63
N THR B 215 -12.69 -29.19 -18.34
CA THR B 215 -11.70 -29.73 -17.42
C THR B 215 -12.30 -30.08 -16.06
N ARG B 216 -11.80 -31.15 -15.46
CA ARG B 216 -12.15 -31.50 -14.11
C ARG B 216 -10.88 -31.67 -13.25
N LYS B 217 -9.91 -30.82 -13.56
CA LYS B 217 -8.67 -30.75 -12.80
C LYS B 217 -8.43 -29.29 -12.43
N ILE B 218 -8.11 -29.06 -11.16
CA ILE B 218 -8.03 -27.71 -10.64
C ILE B 218 -7.00 -27.63 -9.53
N ASN B 219 -6.30 -26.48 -9.46
CA ASN B 219 -5.40 -26.20 -8.34
C ASN B 219 -6.15 -25.25 -7.42
N ILE B 220 -6.38 -25.70 -6.20
CA ILE B 220 -7.21 -24.96 -5.25
C ILE B 220 -6.44 -23.98 -4.37
N GLY B 221 -5.14 -23.87 -4.58
CA GLY B 221 -4.31 -22.87 -3.91
C GLY B 221 -3.85 -23.35 -2.54
N MET B 222 -4.13 -22.52 -1.53
CA MET B 222 -3.86 -22.80 -0.11
C MET B 222 -2.41 -22.57 0.32
N ASP B 223 -1.66 -21.87 -0.52
CA ASP B 223 -0.34 -21.38 -0.11
C ASP B 223 -0.42 -20.16 0.81
N GLU B 224 0.62 -19.96 1.62
CA GLU B 224 0.91 -18.66 2.19
C GLU B 224 -0.23 -18.04 2.98
N ALA B 225 -0.84 -18.86 3.83
CA ALA B 225 -1.93 -18.41 4.73
C ALA B 225 -1.35 -18.32 6.14
N HIS B 226 -0.38 -17.43 6.28
CA HIS B 226 0.53 -17.50 7.40
C HIS B 226 -0.12 -17.33 8.77
N LEU B 227 -1.08 -16.41 8.86
CA LEU B 227 -1.77 -16.17 10.14
C LEU B 227 -3.11 -16.90 10.21
N VAL B 228 -3.27 -17.97 9.43
CA VAL B 228 -4.51 -18.72 9.44
C VAL B 228 -4.86 -19.15 10.88
N GLY B 229 -6.12 -18.97 11.27
CA GLY B 229 -6.56 -19.38 12.61
C GLY B 229 -6.34 -18.36 13.71
N LEU B 230 -5.72 -17.22 13.39
CA LEU B 230 -5.27 -16.25 14.39
C LEU B 230 -6.01 -14.92 14.39
N GLY B 231 -6.99 -14.76 13.50
CA GLY B 231 -7.77 -13.50 13.41
C GLY B 231 -9.14 -13.66 13.99
N ARG B 232 -10.16 -13.46 13.17
CA ARG B 232 -11.52 -13.67 13.65
C ARG B 232 -11.73 -15.14 14.03
N TYR B 233 -10.95 -16.04 13.44
CA TYR B 233 -11.04 -17.45 13.77
C TYR B 233 -10.73 -17.65 15.28
N LEU B 234 -9.70 -16.96 15.76
CA LEU B 234 -9.23 -17.08 17.13
C LEU B 234 -10.25 -16.50 18.11
N ILE B 235 -10.83 -15.38 17.75
CA ILE B 235 -11.86 -14.75 18.58
C ILE B 235 -13.07 -15.68 18.72
N LYS B 236 -13.42 -16.36 17.63
CA LYS B 236 -14.59 -17.22 17.62
C LYS B 236 -14.36 -18.57 18.27
N HIS B 237 -13.16 -19.13 18.12
CA HIS B 237 -12.93 -20.53 18.45
C HIS B 237 -11.87 -20.83 19.51
N GLY B 238 -11.13 -19.82 19.97
CA GLY B 238 -9.93 -20.07 20.73
C GLY B 238 -8.78 -20.56 19.86
N PHE B 239 -7.66 -20.89 20.50
CA PHE B 239 -6.45 -21.30 19.80
C PHE B 239 -6.47 -22.78 19.55
N GLN B 240 -6.58 -23.13 18.27
CA GLN B 240 -6.78 -24.50 17.85
C GLN B 240 -5.51 -25.03 17.22
N ASN B 241 -5.48 -26.35 17.01
CA ASN B 241 -4.38 -26.99 16.31
C ASN B 241 -4.47 -26.59 14.85
N ARG B 242 -3.53 -25.78 14.39
CA ARG B 242 -3.66 -25.14 13.07
CA ARG B 242 -3.69 -25.14 13.09
C ARG B 242 -3.38 -26.08 11.91
N SER B 243 -2.53 -27.08 12.14
CA SER B 243 -2.33 -28.07 11.09
C SER B 243 -3.62 -28.90 10.89
N LEU B 244 -4.30 -29.23 11.97
CA LEU B 244 -5.62 -29.86 11.85
C LEU B 244 -6.64 -28.92 11.19
N LEU B 245 -6.56 -27.63 11.53
CA LEU B 245 -7.49 -26.68 10.93
C LEU B 245 -7.34 -26.69 9.42
N MET B 246 -6.10 -26.72 8.94
CA MET B 246 -5.84 -26.79 7.51
C MET B 246 -6.45 -28.03 6.88
N CYS B 247 -6.35 -29.16 7.59
CA CYS B 247 -6.91 -30.41 7.09
C CYS B 247 -8.42 -30.35 7.04
N GLN B 248 -9.02 -29.75 8.07
CA GLN B 248 -10.47 -29.60 8.13
C GLN B 248 -10.96 -28.76 6.96
N HIS B 249 -10.26 -27.66 6.69
CA HIS B 249 -10.67 -26.80 5.57
C HIS B 249 -10.52 -27.55 4.26
N LEU B 250 -9.38 -28.20 4.10
CA LEU B 250 -9.12 -28.93 2.89
C LEU B 250 -10.18 -29.99 2.64
N GLU B 251 -10.54 -30.74 3.67
CA GLU B 251 -11.57 -31.75 3.51
C GLU B 251 -12.89 -31.13 3.04
N ARG B 252 -13.30 -29.99 3.62
CA ARG B 252 -14.53 -29.32 3.14
C ARG B 252 -14.38 -28.95 1.67
N VAL B 253 -13.20 -28.44 1.29
CA VAL B 253 -12.99 -28.02 -0.08
C VAL B 253 -13.02 -29.21 -1.05
N LEU B 254 -12.36 -30.30 -0.66
CA LEU B 254 -12.37 -31.52 -1.46
C LEU B 254 -13.77 -32.13 -1.59
N ASP B 255 -14.57 -32.05 -0.53
CA ASP B 255 -15.96 -32.51 -0.59
C ASP B 255 -16.76 -31.70 -1.62
N ILE B 256 -16.53 -30.38 -1.65
CA ILE B 256 -17.16 -29.50 -2.65
C ILE B 256 -16.69 -29.90 -4.05
N ALA B 257 -15.38 -30.08 -4.22
CA ALA B 257 -14.84 -30.45 -5.51
C ALA B 257 -15.47 -31.76 -5.99
N ASP B 258 -15.58 -32.72 -5.09
CA ASP B 258 -16.14 -34.02 -5.41
C ASP B 258 -17.55 -33.91 -5.96
N LYS B 259 -18.34 -33.03 -5.36
CA LYS B 259 -19.71 -32.82 -5.79
C LYS B 259 -19.78 -32.41 -7.27
N TYR B 260 -18.75 -31.73 -7.76
CA TYR B 260 -18.73 -31.21 -9.11
C TYR B 260 -17.84 -32.03 -10.05
N GLY B 261 -17.25 -33.12 -9.52
CA GLY B 261 -16.45 -34.04 -10.33
C GLY B 261 -14.98 -33.72 -10.49
N PHE B 262 -14.49 -32.76 -9.70
CA PHE B 262 -13.14 -32.23 -9.86
C PHE B 262 -12.12 -33.04 -9.10
N ASN B 263 -10.95 -33.17 -9.69
CA ASN B 263 -9.77 -33.65 -9.00
C ASN B 263 -8.86 -32.46 -8.73
N CYS B 264 -8.30 -32.40 -7.52
CA CYS B 264 -7.60 -31.21 -7.01
C CYS B 264 -6.09 -31.38 -6.80
N GLN B 265 -5.41 -30.26 -7.01
CA GLN B 265 -4.01 -30.05 -6.60
C GLN B 265 -4.00 -28.89 -5.63
N MET B 266 -2.97 -28.80 -4.79
CA MET B 266 -2.79 -27.64 -3.93
C MET B 266 -1.30 -27.36 -3.75
N TRP B 267 -0.97 -26.10 -3.49
CA TRP B 267 0.40 -25.78 -3.10
C TRP B 267 0.65 -26.41 -1.74
N SER B 268 1.85 -26.91 -1.51
CA SER B 268 2.10 -27.68 -0.30
C SER B 268 2.67 -26.95 0.92
N ASP B 269 3.03 -25.68 0.78
CA ASP B 269 3.86 -25.00 1.80
C ASP B 269 3.30 -24.92 3.22
N MET B 270 1.98 -24.84 3.37
CA MET B 270 1.40 -24.61 4.70
C MET B 270 1.56 -25.83 5.61
N PHE B 271 1.66 -27.02 5.03
CA PHE B 271 1.84 -28.21 5.88
C PHE B 271 3.20 -28.14 6.54
N PHE B 272 4.19 -27.66 5.79
CA PHE B 272 5.54 -27.52 6.29
C PHE B 272 5.65 -26.36 7.28
N LYS B 273 5.03 -25.24 6.95
CA LYS B 273 5.13 -24.06 7.79
C LYS B 273 4.48 -24.32 9.14
N LEU B 274 3.34 -25.01 9.15
CA LEU B 274 2.64 -25.26 10.42
C LEU B 274 3.23 -26.41 11.24
N MET B 275 4.12 -27.20 10.64
CA MET B 275 4.70 -28.37 11.34
C MET B 275 6.23 -28.32 11.39
N SER B 276 6.81 -27.13 11.20
CA SER B 276 8.22 -26.90 11.46
C SER B 276 8.36 -25.94 12.63
N ALA B 277 9.48 -26.04 13.35
CA ALA B 277 9.72 -25.19 14.52
C ALA B 277 10.00 -23.74 14.12
N ASP B 278 10.55 -23.56 12.91
CA ASP B 278 10.85 -22.22 12.36
C ASP B 278 9.67 -21.58 11.62
N GLY B 279 8.65 -22.36 11.28
CA GLY B 279 7.54 -21.88 10.45
C GLY B 279 7.91 -21.65 8.99
N GLN B 280 8.88 -22.39 8.48
CA GLN B 280 9.33 -22.20 7.10
C GLN B 280 9.07 -23.43 6.22
N TYR B 281 9.22 -23.24 4.90
CA TYR B 281 8.89 -24.26 3.90
C TYR B 281 10.01 -25.30 3.78
N ASP B 282 11.21 -24.78 3.55
CA ASP B 282 12.42 -25.57 3.30
C ASP B 282 12.91 -26.13 4.62
N ARG B 283 12.10 -26.98 5.25
CA ARG B 283 12.38 -27.50 6.57
C ARG B 283 11.91 -28.94 6.74
N ASP B 284 12.53 -29.65 7.68
CA ASP B 284 12.06 -30.97 8.11
C ASP B 284 10.78 -30.77 8.92
N VAL B 285 9.95 -31.80 9.03
CA VAL B 285 8.63 -31.67 9.65
C VAL B 285 8.40 -32.62 10.81
N GLU B 286 7.80 -32.09 11.88
CA GLU B 286 7.31 -32.89 13.00
C GLU B 286 5.81 -33.04 12.83
N ILE B 287 5.36 -34.20 12.37
CA ILE B 287 3.94 -34.41 12.12
C ILE B 287 3.29 -35.05 13.35
N PRO B 288 2.46 -34.30 14.08
CA PRO B 288 1.70 -34.90 15.16
C PRO B 288 0.91 -36.12 14.72
N GLU B 289 0.74 -37.06 15.63
CA GLU B 289 0.02 -38.29 15.36
C GLU B 289 -1.37 -38.01 14.79
N GLU B 290 -2.10 -37.09 15.42
CA GLU B 290 -3.47 -36.79 14.97
C GLU B 290 -3.53 -36.14 13.58
N THR B 291 -2.53 -35.33 13.26
CA THR B 291 -2.47 -34.71 11.94
C THR B 291 -2.08 -35.74 10.89
N ARG B 292 -1.23 -36.70 11.28
CA ARG B 292 -0.83 -37.80 10.40
C ARG B 292 -2.05 -38.58 9.94
N VAL B 293 -2.94 -38.88 10.88
CA VAL B 293 -4.11 -39.69 10.58
C VAL B 293 -5.01 -38.95 9.60
N TYR B 294 -5.17 -37.64 9.83
CA TYR B 294 -5.98 -36.82 8.95
C TYR B 294 -5.30 -36.72 7.57
N LEU B 295 -4.01 -36.42 7.56
CA LEU B 295 -3.26 -36.33 6.30
C LEU B 295 -3.29 -37.62 5.50
N ASP B 296 -3.15 -38.75 6.20
CA ASP B 296 -3.17 -40.04 5.54
C ASP B 296 -4.45 -40.25 4.76
N ARG B 297 -5.59 -39.77 5.26
CA ARG B 297 -6.81 -39.92 4.48
C ARG B 297 -6.92 -38.88 3.36
N LEU B 298 -6.45 -37.66 3.60
CA LEU B 298 -6.58 -36.63 2.57
C LEU B 298 -5.56 -36.79 1.44
N LYS B 299 -4.41 -37.41 1.71
CA LYS B 299 -3.36 -37.53 0.69
C LYS B 299 -3.79 -38.28 -0.58
N GLU B 300 -4.75 -39.19 -0.45
CA GLU B 300 -5.24 -39.98 -1.57
C GLU B 300 -6.14 -39.17 -2.52
N ARG B 301 -6.57 -37.99 -2.03
CA ARG B 301 -7.60 -37.16 -2.67
C ARG B 301 -7.05 -35.82 -3.18
N VAL B 302 -5.76 -35.56 -3.00
CA VAL B 302 -5.19 -34.29 -3.47
C VAL B 302 -3.73 -34.48 -3.82
N THR B 303 -3.30 -33.80 -4.89
CA THR B 303 -1.90 -33.80 -5.31
C THR B 303 -1.24 -32.59 -4.67
N LEU B 304 -0.15 -32.82 -3.93
CA LEU B 304 0.61 -31.72 -3.35
C LEU B 304 1.59 -31.21 -4.38
N VAL B 305 1.66 -29.90 -4.54
CA VAL B 305 2.61 -29.29 -5.46
C VAL B 305 3.74 -28.63 -4.68
N TYR B 306 4.95 -29.19 -4.78
CA TYR B 306 6.12 -28.62 -4.17
C TYR B 306 6.65 -27.57 -5.13
N TRP B 307 6.59 -26.31 -4.72
CA TRP B 307 7.08 -25.22 -5.55
C TRP B 307 8.40 -24.66 -5.05
N ASP B 308 9.34 -24.44 -5.97
CA ASP B 308 10.69 -24.00 -5.63
C ASP B 308 11.36 -23.44 -6.87
N TYR B 309 11.68 -22.16 -6.80
CA TYR B 309 12.27 -21.45 -7.92
C TYR B 309 13.71 -21.02 -7.67
N TYR B 310 14.32 -21.51 -6.58
CA TYR B 310 15.49 -20.82 -6.00
C TYR B 310 16.78 -21.65 -5.90
N GLN B 311 16.68 -22.97 -5.82
CA GLN B 311 17.86 -23.79 -5.52
C GLN B 311 18.77 -24.02 -6.72
N ASP B 312 20.07 -23.96 -6.44
CA ASP B 312 21.10 -24.14 -7.44
C ASP B 312 21.71 -25.55 -7.46
N SER B 313 21.16 -26.47 -6.68
CA SER B 313 21.67 -27.84 -6.67
C SER B 313 20.56 -28.88 -6.58
N GLU B 314 20.71 -29.97 -7.32
CA GLU B 314 19.80 -31.08 -7.26
C GLU B 314 19.53 -31.52 -5.82
N GLU B 315 20.58 -31.60 -5.01
CA GLU B 315 20.47 -32.12 -3.65
C GLU B 315 19.51 -31.31 -2.78
N LYS B 316 19.49 -30.00 -2.96
CA LYS B 316 18.58 -29.15 -2.18
C LYS B 316 17.13 -29.49 -2.55
N TYR B 317 16.86 -29.72 -3.83
CA TYR B 317 15.50 -30.13 -4.23
C TYR B 317 15.17 -31.50 -3.68
N ASN B 318 16.11 -32.42 -3.81
CA ASN B 318 15.95 -33.79 -3.32
C ASN B 318 15.56 -33.87 -1.85
N ARG B 319 16.20 -33.06 -1.02
CA ARG B 319 15.89 -32.99 0.42
C ARG B 319 14.42 -32.62 0.65
N ASN B 320 13.94 -31.67 -0.14
CA ASN B 320 12.55 -31.27 -0.06
C ASN B 320 11.59 -32.34 -0.55
N PHE B 321 11.97 -33.03 -1.63
CA PHE B 321 11.15 -34.17 -2.09
C PHE B 321 11.04 -35.24 -1.00
N GLN B 322 12.17 -35.53 -0.37
CA GLN B 322 12.19 -36.51 0.71
C GLN B 322 11.23 -36.14 1.82
N ASN B 323 11.27 -34.90 2.27
CA ASN B 323 10.33 -34.44 3.27
C ASN B 323 8.89 -34.53 2.79
N HIS B 324 8.64 -34.14 1.53
CA HIS B 324 7.28 -34.27 1.00
C HIS B 324 6.79 -35.72 1.04
N HIS B 325 7.72 -36.64 0.76
CA HIS B 325 7.40 -38.07 0.77
C HIS B 325 7.00 -38.61 2.15
N LYS B 326 7.32 -37.89 3.21
CA LYS B 326 6.78 -38.21 4.54
C LYS B 326 5.27 -38.07 4.60
N ILE B 327 4.72 -37.15 3.81
CA ILE B 327 3.28 -36.89 3.79
C ILE B 327 2.59 -37.70 2.69
N SER B 328 3.16 -37.69 1.50
CA SER B 328 2.50 -38.28 0.33
C SER B 328 3.45 -38.70 -0.76
N GLN B 329 3.09 -39.73 -1.51
CA GLN B 329 3.85 -40.13 -2.69
C GLN B 329 3.43 -39.35 -3.94
N ASP B 330 2.30 -38.65 -3.86
CA ASP B 330 1.76 -37.93 -5.02
C ASP B 330 2.19 -36.47 -5.00
N ILE B 331 3.42 -36.23 -5.44
CA ILE B 331 4.01 -34.89 -5.40
C ILE B 331 4.28 -34.38 -6.82
N ALA B 332 3.66 -33.25 -7.18
CA ALA B 332 3.98 -32.55 -8.43
C ALA B 332 4.99 -31.49 -8.09
N PHE B 333 5.70 -30.99 -9.11
CA PHE B 333 6.71 -29.96 -8.90
C PHE B 333 6.34 -28.73 -9.69
N ALA B 334 6.47 -27.54 -9.07
CA ALA B 334 6.40 -26.27 -9.75
C ALA B 334 7.74 -25.58 -9.85
N GLY B 335 8.20 -25.41 -11.09
CA GLY B 335 9.41 -24.68 -11.42
C GLY B 335 9.08 -23.30 -11.90
N GLY B 336 10.10 -22.47 -12.12
CA GLY B 336 9.86 -21.04 -12.34
C GLY B 336 10.26 -20.54 -13.71
N ALA B 337 9.38 -19.75 -14.30
CA ALA B 337 9.73 -18.94 -15.47
C ALA B 337 9.76 -17.54 -14.94
N TRP B 338 10.97 -17.08 -14.57
CA TRP B 338 11.14 -15.85 -13.81
C TRP B 338 10.69 -14.58 -14.54
N LYS B 339 9.47 -14.14 -14.24
CA LYS B 339 8.91 -12.92 -14.82
C LYS B 339 8.14 -12.08 -13.82
N TRP B 340 8.49 -12.20 -12.55
CA TRP B 340 7.78 -11.50 -11.48
C TRP B 340 8.65 -10.49 -10.74
N ILE B 341 9.69 -9.99 -11.39
CA ILE B 341 10.66 -9.11 -10.73
C ILE B 341 10.74 -7.72 -11.39
N GLY B 342 9.60 -7.23 -11.87
CA GLY B 342 9.49 -5.88 -12.40
C GLY B 342 9.06 -5.90 -13.85
N PHE B 343 9.86 -5.27 -14.71
CA PHE B 343 9.57 -5.10 -16.14
C PHE B 343 10.36 -6.06 -17.01
N THR B 344 11.37 -6.69 -16.42
CA THR B 344 12.34 -7.48 -17.16
C THR B 344 12.41 -8.87 -16.53
N PRO B 345 12.37 -9.93 -17.37
CA PRO B 345 12.41 -11.30 -16.83
C PRO B 345 13.84 -11.69 -16.48
N HIS B 346 13.99 -12.94 -16.05
CA HIS B 346 15.31 -13.55 -15.85
C HIS B 346 15.30 -15.00 -16.40
N ASN B 347 15.32 -15.11 -17.73
CA ASN B 347 15.41 -16.40 -18.38
C ASN B 347 16.74 -17.09 -18.06
N HIS B 348 17.82 -16.31 -17.94
CA HIS B 348 19.13 -16.88 -17.59
C HIS B 348 19.08 -17.61 -16.23
N PHE B 349 18.55 -16.95 -15.20
CA PHE B 349 18.44 -17.61 -13.89
C PHE B 349 17.48 -18.81 -13.95
N SER B 350 16.39 -18.65 -14.69
CA SER B 350 15.45 -19.74 -14.91
C SER B 350 16.13 -20.98 -15.45
N ARG B 351 17.00 -20.80 -16.44
CA ARG B 351 17.77 -21.90 -17.02
C ARG B 351 18.60 -22.60 -15.95
N LEU B 352 19.34 -21.80 -15.18
CA LEU B 352 20.27 -22.34 -14.18
C LEU B 352 19.56 -23.26 -13.20
N VAL B 353 18.42 -22.80 -12.66
CA VAL B 353 17.70 -23.63 -11.70
C VAL B 353 16.92 -24.77 -12.35
N ALA B 354 16.41 -24.58 -13.56
CA ALA B 354 15.67 -25.64 -14.23
C ALA B 354 16.54 -26.88 -14.47
N ILE B 355 17.79 -26.67 -14.85
CA ILE B 355 18.73 -27.79 -15.07
C ILE B 355 18.81 -28.65 -13.82
N GLU B 356 18.91 -28.01 -12.67
CA GLU B 356 19.04 -28.77 -11.44
C GLU B 356 17.73 -29.37 -10.94
N ALA B 357 16.63 -28.61 -11.06
CA ALA B 357 15.31 -29.10 -10.68
C ALA B 357 14.93 -30.32 -11.52
N ASN B 358 15.25 -30.26 -12.81
CA ASN B 358 14.93 -31.37 -13.71
C ASN B 358 15.62 -32.65 -13.22
N LYS B 359 16.86 -32.54 -12.79
CA LYS B 359 17.55 -33.69 -12.21
C LYS B 359 16.80 -34.27 -11.03
N ALA B 360 16.37 -33.39 -10.11
CA ALA B 360 15.70 -33.84 -8.90
C ALA B 360 14.33 -34.44 -9.23
N CYS B 361 13.60 -33.81 -10.14
CA CYS B 361 12.27 -34.34 -10.50
C CYS B 361 12.38 -35.73 -11.12
N ARG B 362 13.38 -35.92 -11.97
CA ARG B 362 13.61 -37.26 -12.51
C ARG B 362 13.97 -38.28 -11.43
N LYS B 363 14.93 -37.93 -10.57
CA LYS B 363 15.35 -38.85 -9.48
C LYS B 363 14.18 -39.25 -8.61
N ASN B 364 13.23 -38.33 -8.44
CA ASN B 364 12.10 -38.53 -7.56
C ASN B 364 10.82 -38.99 -8.27
N GLN B 365 10.95 -39.39 -9.53
CA GLN B 365 9.87 -40.00 -10.28
C GLN B 365 8.61 -39.13 -10.37
N VAL B 366 8.84 -37.83 -10.42
CA VAL B 366 7.76 -36.86 -10.55
C VAL B 366 7.03 -37.09 -11.87
N LYS B 367 5.71 -37.03 -11.83
CA LYS B 367 4.88 -37.24 -13.03
C LYS B 367 4.47 -35.93 -13.71
N GLU B 368 4.44 -34.85 -12.94
CA GLU B 368 3.97 -33.57 -13.46
C GLU B 368 4.84 -32.43 -12.98
N VAL B 369 5.21 -31.58 -13.93
CA VAL B 369 5.94 -30.36 -13.65
C VAL B 369 5.08 -29.23 -14.20
N ILE B 370 4.89 -28.22 -13.37
CA ILE B 370 4.16 -27.01 -13.71
C ILE B 370 5.17 -25.87 -13.68
N VAL B 371 5.37 -25.22 -14.83
CA VAL B 371 6.24 -24.05 -14.91
C VAL B 371 5.39 -22.82 -14.65
N THR B 372 5.72 -22.06 -13.59
CA THR B 372 4.87 -20.96 -13.15
C THR B 372 5.46 -19.63 -13.55
N GLY B 373 4.63 -18.80 -14.18
CA GLY B 373 4.97 -17.46 -14.62
C GLY B 373 4.22 -16.42 -13.81
N TRP B 374 4.59 -16.33 -12.54
CA TRP B 374 4.02 -15.31 -11.67
C TRP B 374 4.26 -13.89 -12.15
N GLY B 375 3.52 -12.95 -11.57
CA GLY B 375 3.61 -11.54 -12.01
C GLY B 375 3.64 -10.53 -10.88
N ASP B 376 4.18 -10.94 -9.73
CA ASP B 376 4.23 -10.18 -8.45
C ASP B 376 4.16 -8.68 -8.53
N ASN B 377 3.21 -8.08 -7.80
CA ASN B 377 3.26 -6.66 -7.47
C ASN B 377 3.02 -5.77 -8.70
N GLY B 378 2.05 -6.18 -9.53
CA GLY B 378 1.59 -5.35 -10.64
C GLY B 378 1.65 -5.86 -12.07
N GLY B 379 2.26 -7.02 -12.30
CA GLY B 379 2.24 -7.67 -13.63
C GLY B 379 2.93 -6.84 -14.70
N GLU B 380 4.05 -6.21 -14.32
CA GLU B 380 4.76 -5.30 -15.22
C GLU B 380 5.62 -5.96 -16.33
N THR B 381 5.88 -7.28 -16.25
CA THR B 381 6.69 -7.99 -17.28
C THR B 381 5.81 -8.57 -18.39
N SER B 382 6.28 -8.47 -19.63
CA SER B 382 5.55 -9.05 -20.74
C SER B 382 5.16 -10.52 -20.49
N GLN B 383 3.96 -10.89 -20.94
CA GLN B 383 3.48 -12.26 -20.90
C GLN B 383 4.29 -13.20 -21.76
N PHE B 384 5.01 -12.65 -22.75
CA PHE B 384 5.83 -13.44 -23.68
C PHE B 384 7.33 -13.35 -23.38
N SER B 385 7.67 -12.71 -22.26
CA SER B 385 9.05 -12.45 -21.85
C SER B 385 9.85 -13.73 -21.60
N VAL B 386 9.15 -14.81 -21.27
CA VAL B 386 9.82 -16.04 -20.79
C VAL B 386 9.73 -17.22 -21.75
N LEU B 387 9.48 -16.94 -23.02
CA LEU B 387 9.50 -18.03 -23.99
C LEU B 387 10.80 -18.83 -23.92
N PRO B 388 11.98 -18.17 -23.77
CA PRO B 388 13.19 -19.03 -23.63
C PRO B 388 13.14 -20.02 -22.48
N ALA B 389 12.78 -19.54 -21.31
CA ALA B 389 12.61 -20.41 -20.14
C ALA B 389 11.65 -21.55 -20.42
N LEU B 390 10.55 -21.26 -21.13
CA LEU B 390 9.58 -22.30 -21.43
C LEU B 390 10.16 -23.36 -22.40
N GLN B 391 10.94 -22.92 -23.39
CA GLN B 391 11.59 -23.90 -24.28
C GLN B 391 12.57 -24.74 -23.49
N ILE B 392 13.30 -24.11 -22.58
CA ILE B 392 14.31 -24.80 -21.76
C ILE B 392 13.67 -25.94 -20.96
N TRP B 393 12.60 -25.66 -20.23
CA TRP B 393 11.92 -26.73 -19.52
C TRP B 393 11.38 -27.84 -20.44
N ALA B 394 10.86 -27.46 -21.61
CA ALA B 394 10.38 -28.47 -22.57
C ALA B 394 11.53 -29.36 -23.03
N GLU B 395 12.66 -28.75 -23.36
CA GLU B 395 13.82 -29.54 -23.80
C GLU B 395 14.30 -30.46 -22.69
N LEU B 396 14.31 -29.93 -21.47
CA LEU B 396 14.73 -30.75 -20.35
C LEU B 396 13.80 -31.92 -20.15
N ALA B 397 12.51 -31.68 -20.26
CA ALA B 397 11.51 -32.71 -20.12
C ALA B 397 11.61 -33.81 -21.18
N TYR B 398 11.85 -33.40 -22.42
CA TYR B 398 11.78 -34.31 -23.58
C TYR B 398 13.09 -34.97 -23.92
N ARG B 399 14.21 -34.27 -23.70
CA ARG B 399 15.54 -34.71 -24.13
C ARG B 399 16.56 -34.77 -23.00
N ASN B 400 16.23 -34.24 -21.82
CA ASN B 400 17.20 -34.18 -20.70
C ASN B 400 18.48 -33.38 -21.00
N ASP B 401 18.42 -32.51 -22.00
CA ASP B 401 19.53 -31.64 -22.32
C ASP B 401 19.05 -30.43 -23.09
N LEU B 402 19.93 -29.46 -23.29
CA LEU B 402 19.60 -28.24 -24.02
C LEU B 402 20.36 -28.14 -25.35
N LYS B 403 20.78 -29.29 -25.88
CA LYS B 403 21.60 -29.31 -27.10
C LYS B 403 20.87 -28.77 -28.34
N LYS B 404 19.54 -28.90 -28.37
CA LYS B 404 18.73 -28.48 -29.49
C LYS B 404 17.79 -27.34 -29.10
N VAL B 405 18.11 -26.62 -28.02
CA VAL B 405 17.22 -25.52 -27.59
C VAL B 405 17.05 -24.45 -28.67
N SER B 406 18.14 -24.02 -29.30
CA SER B 406 18.08 -22.96 -30.30
C SER B 406 17.29 -23.40 -31.53
N GLU B 407 17.59 -24.60 -32.02
CA GLU B 407 16.95 -25.08 -33.22
C GLU B 407 15.46 -25.19 -33.03
N HIS B 408 15.03 -25.73 -31.90
CA HIS B 408 13.61 -25.88 -31.62
C HIS B 408 12.96 -24.54 -31.33
N PHE B 409 13.69 -23.65 -30.66
CA PHE B 409 13.12 -22.32 -30.32
C PHE B 409 12.83 -21.53 -31.56
N LEU B 410 13.65 -21.70 -32.59
CA LEU B 410 13.44 -20.99 -33.87
C LEU B 410 12.08 -21.37 -34.47
N VAL B 411 11.67 -22.62 -34.34
CA VAL B 411 10.36 -23.03 -34.78
C VAL B 411 9.30 -22.34 -33.93
N SER B 412 9.47 -22.38 -32.62
CA SER B 412 8.44 -21.88 -31.71
C SER B 412 8.20 -20.39 -31.86
N THR B 413 9.28 -19.63 -32.09
CA THR B 413 9.20 -18.17 -32.09
C THR B 413 9.56 -17.47 -33.39
N GLY B 414 10.30 -18.16 -34.26
CA GLY B 414 10.80 -17.54 -35.46
C GLY B 414 12.07 -16.75 -35.23
N LEU B 415 12.58 -16.73 -34.00
CA LEU B 415 13.76 -15.93 -33.76
C LEU B 415 14.84 -16.65 -32.95
N ASP B 416 16.03 -16.08 -32.95
CA ASP B 416 17.21 -16.72 -32.36
C ASP B 416 17.11 -16.72 -30.83
N PHE B 417 17.33 -17.89 -30.24
CA PHE B 417 17.25 -18.11 -28.80
C PHE B 417 18.19 -17.16 -28.06
N ASP B 418 19.43 -17.02 -28.51
CA ASP B 418 20.37 -16.18 -27.79
C ASP B 418 20.00 -14.71 -27.89
N ASP B 419 19.45 -14.28 -29.02
CA ASP B 419 18.90 -12.94 -29.15
C ASP B 419 17.77 -12.76 -28.13
N PHE B 420 16.85 -13.72 -28.08
CA PHE B 420 15.67 -13.57 -27.22
C PHE B 420 16.10 -13.53 -25.76
N MET B 421 17.12 -14.30 -25.41
CA MET B 421 17.66 -14.31 -24.04
C MET B 421 18.18 -12.94 -23.61
N LYS B 422 18.55 -12.07 -24.57
CA LYS B 422 19.00 -10.71 -24.27
C LYS B 422 17.88 -9.84 -23.68
N ILE B 423 16.62 -10.30 -23.75
CA ILE B 423 15.53 -9.56 -23.13
C ILE B 423 15.79 -9.36 -21.63
N ASP B 424 16.62 -10.24 -21.04
CA ASP B 424 17.00 -10.21 -19.61
C ASP B 424 17.96 -9.03 -19.23
N LEU B 425 18.51 -8.35 -20.22
CA LEU B 425 19.71 -7.52 -19.99
C LEU B 425 19.60 -6.51 -18.86
N ALA B 426 18.44 -5.92 -18.65
CA ALA B 426 18.29 -4.94 -17.55
C ALA B 426 18.48 -5.53 -16.16
N ASN B 427 18.54 -6.85 -16.05
CA ASN B 427 18.87 -7.51 -14.78
C ASN B 427 20.28 -8.09 -14.75
N LEU B 428 20.96 -8.12 -15.90
CA LEU B 428 22.26 -8.81 -16.01
C LEU B 428 23.43 -7.87 -15.75
N LEU B 429 23.47 -7.29 -14.56
CA LEU B 429 24.58 -6.42 -14.17
C LEU B 429 25.90 -7.18 -14.21
N PRO B 430 26.96 -6.48 -14.65
CA PRO B 430 28.30 -7.07 -14.57
C PRO B 430 28.65 -7.58 -13.20
N ASP B 431 29.32 -8.73 -13.18
CA ASP B 431 29.91 -9.28 -11.96
C ASP B 431 28.92 -9.99 -11.03
N LEU B 432 27.63 -10.01 -11.36
CA LEU B 432 26.64 -10.64 -10.48
C LEU B 432 26.87 -12.13 -10.43
N PRO B 433 26.95 -12.71 -9.22
CA PRO B 433 26.93 -14.18 -9.16
C PRO B 433 25.64 -14.74 -9.78
N ASP B 434 25.77 -15.72 -10.65
CA ASP B 434 24.65 -16.22 -11.44
CA ASP B 434 24.65 -16.23 -11.45
C ASP B 434 23.61 -16.99 -10.62
N ASN B 435 24.00 -17.44 -9.43
CA ASN B 435 23.12 -18.27 -8.61
C ASN B 435 22.30 -17.52 -7.56
N LEU B 436 22.30 -16.20 -7.61
CA LEU B 436 21.50 -15.39 -6.68
C LEU B 436 20.23 -14.89 -7.40
N SER B 437 19.09 -15.14 -6.77
CA SER B 437 17.80 -14.88 -7.39
C SER B 437 17.24 -13.52 -7.04
N GLY B 438 16.34 -13.04 -7.89
CA GLY B 438 15.54 -11.86 -7.55
C GLY B 438 16.25 -10.51 -7.69
N ILE B 439 17.49 -10.51 -8.17
CA ILE B 439 18.24 -9.27 -8.27
C ILE B 439 17.68 -8.48 -9.44
N ASN B 440 17.00 -7.36 -9.15
CA ASN B 440 16.13 -6.77 -10.14
C ASN B 440 16.30 -5.28 -10.30
N PRO B 441 17.51 -4.84 -10.67
CA PRO B 441 17.72 -3.39 -10.89
C PRO B 441 16.84 -2.76 -11.98
N ASN B 442 16.35 -3.57 -12.93
CA ASN B 442 15.42 -3.08 -13.96
C ASN B 442 14.32 -2.26 -13.30
N ARG B 443 13.90 -2.74 -12.13
CA ARG B 443 12.72 -2.19 -11.49
C ARG B 443 13.05 -1.13 -10.48
N TYR B 444 14.00 -1.41 -9.60
CA TYR B 444 14.25 -0.47 -8.50
C TYR B 444 15.06 0.76 -8.94
N VAL B 445 15.87 0.62 -9.98
CA VAL B 445 16.52 1.82 -10.54
C VAL B 445 15.47 2.77 -11.19
N LEU B 446 14.46 2.20 -11.86
CA LEU B 446 13.34 2.93 -12.44
C LEU B 446 12.54 3.68 -11.38
N TYR B 447 12.04 2.95 -10.40
CA TYR B 447 11.05 3.52 -9.49
C TYR B 447 11.62 4.28 -8.32
N GLN B 448 12.91 4.14 -8.00
CA GLN B 448 13.41 4.94 -6.90
C GLN B 448 13.28 6.46 -7.17
N ASP B 449 13.20 7.21 -6.08
CA ASP B 449 13.09 8.66 -6.15
C ASP B 449 14.35 9.30 -6.70
N VAL B 450 14.25 10.54 -7.19
CA VAL B 450 15.43 11.27 -7.62
C VAL B 450 16.07 12.05 -6.46
N LEU B 451 15.30 12.84 -5.74
CA LEU B 451 15.82 13.59 -4.59
C LEU B 451 16.23 12.72 -3.39
N CYS B 452 15.46 11.65 -3.15
CA CYS B 452 15.61 10.76 -2.00
C CYS B 452 15.80 9.32 -2.49
N PRO B 453 16.94 9.03 -3.18
CA PRO B 453 17.06 7.76 -3.90
C PRO B 453 17.40 6.60 -2.97
N LEU B 454 16.37 5.84 -2.57
CA LEU B 454 16.54 4.86 -1.51
C LEU B 454 17.42 3.67 -1.89
N LEU B 455 17.62 3.45 -3.19
CA LEU B 455 18.43 2.32 -3.64
C LEU B 455 19.84 2.75 -4.08
N GLU B 456 20.21 3.98 -3.82
CA GLU B 456 21.46 4.53 -4.40
C GLU B 456 22.71 3.76 -3.96
N GLN B 457 22.75 3.27 -2.71
CA GLN B 457 23.96 2.55 -2.25
C GLN B 457 24.11 1.21 -2.98
N HIS B 458 23.05 0.76 -3.65
CA HIS B 458 23.09 -0.51 -4.38
C HIS B 458 23.37 -0.34 -5.87
N ILE B 459 23.62 0.89 -6.28
CA ILE B 459 23.85 1.25 -7.66
C ILE B 459 25.34 1.64 -7.82
N ARG B 460 26.00 1.06 -8.81
CA ARG B 460 27.34 1.49 -9.20
C ARG B 460 27.19 2.49 -10.35
N PRO B 461 27.41 3.80 -10.08
CA PRO B 461 26.98 4.86 -11.01
C PRO B 461 27.65 4.84 -12.39
N GLU B 462 28.85 4.32 -12.50
CA GLU B 462 29.48 4.19 -13.84
C GLU B 462 29.28 2.79 -14.40
N LYS B 463 29.52 1.77 -13.58
CA LYS B 463 29.51 0.40 -14.09
C LYS B 463 28.11 -0.03 -14.57
N ASP B 464 27.10 0.28 -13.76
CA ASP B 464 25.74 -0.15 -14.10
C ASP B 464 25.18 0.70 -15.23
N LYS B 465 25.46 1.99 -15.17
CA LYS B 465 25.04 2.92 -16.23
C LYS B 465 25.60 2.47 -17.60
N GLN B 466 26.89 2.14 -17.64
CA GLN B 466 27.47 1.68 -18.91
C GLN B 466 26.79 0.44 -19.43
N HIS B 467 26.47 -0.46 -18.52
CA HIS B 467 25.77 -1.70 -18.86
C HIS B 467 24.38 -1.41 -19.41
N PHE B 468 23.64 -0.54 -18.74
CA PHE B 468 22.32 -0.20 -19.27
C PHE B 468 22.46 0.46 -20.65
N ALA B 469 23.43 1.34 -20.82
CA ALA B 469 23.60 2.01 -22.13
C ALA B 469 23.95 1.01 -23.24
N SER B 470 24.88 0.10 -22.96
CA SER B 470 25.25 -0.97 -23.88
C SER B 470 24.06 -1.87 -24.24
N SER B 471 23.23 -2.18 -23.24
CA SER B 471 22.05 -3.04 -23.42
C SER B 471 20.97 -2.39 -24.29
N ALA B 472 20.75 -1.09 -24.08
CA ALA B 472 19.87 -0.33 -24.93
C ALA B 472 20.27 -0.47 -26.41
N GLN B 473 21.57 -0.34 -26.66
CA GLN B 473 22.08 -0.46 -28.04
C GLN B 473 21.86 -1.87 -28.60
N GLN B 474 22.22 -2.88 -27.82
CA GLN B 474 22.04 -4.27 -28.24
C GLN B 474 20.58 -4.58 -28.53
N LEU B 475 19.69 -4.07 -27.67
CA LEU B 475 18.27 -4.38 -27.79
C LEU B 475 17.63 -3.65 -28.95
N GLY B 476 18.12 -2.45 -29.23
CA GLY B 476 17.67 -1.68 -30.39
C GLY B 476 17.95 -2.40 -31.70
N GLU B 477 19.03 -3.15 -31.75
CA GLU B 477 19.34 -3.93 -32.95
C GLU B 477 18.53 -5.22 -33.02
N ILE B 478 18.36 -5.90 -31.89
CA ILE B 478 17.58 -7.11 -31.85
C ILE B 478 16.12 -6.85 -32.21
N SER B 479 15.60 -5.72 -31.77
CA SER B 479 14.19 -5.40 -32.03
C SER B 479 13.90 -5.34 -33.52
N LYS B 480 14.90 -4.93 -34.31
CA LYS B 480 14.74 -4.82 -35.76
C LYS B 480 14.58 -6.17 -36.44
N ARG B 481 15.01 -7.23 -35.78
CA ARG B 481 14.94 -8.57 -36.36
C ARG B 481 14.05 -9.50 -35.53
N ALA B 482 13.15 -8.92 -34.73
CA ALA B 482 12.39 -9.70 -33.76
C ALA B 482 10.97 -9.97 -34.23
N GLY B 483 10.61 -9.52 -35.43
CA GLY B 483 9.30 -9.83 -35.99
C GLY B 483 8.15 -9.43 -35.08
N GLU B 484 7.22 -10.37 -34.84
CA GLU B 484 6.03 -10.09 -34.06
CA GLU B 484 6.02 -10.15 -34.04
C GLU B 484 6.31 -9.88 -32.56
N TYR B 485 7.55 -10.11 -32.14
CA TYR B 485 7.91 -9.85 -30.75
C TYR B 485 8.71 -8.55 -30.60
N ALA B 486 8.87 -7.80 -31.68
CA ALA B 486 9.72 -6.59 -31.65
C ALA B 486 9.29 -5.64 -30.53
N TYR B 487 8.00 -5.55 -30.30
CA TYR B 487 7.47 -4.63 -29.31
C TYR B 487 7.99 -4.89 -27.89
N ILE B 488 8.29 -6.14 -27.53
CA ILE B 488 8.75 -6.41 -26.18
C ILE B 488 10.22 -6.06 -26.05
N PHE B 489 10.95 -6.12 -27.15
CA PHE B 489 12.35 -5.71 -27.18
C PHE B 489 12.49 -4.19 -27.21
N GLU B 490 11.59 -3.51 -27.90
CA GLU B 490 11.53 -2.04 -27.91
C GLU B 490 11.30 -1.54 -26.48
N THR B 491 10.37 -2.17 -25.76
CA THR B 491 10.15 -1.80 -24.35
C THR B 491 11.46 -1.90 -23.55
N GLN B 492 12.16 -3.00 -23.77
CA GLN B 492 13.41 -3.20 -23.02
C GLN B 492 14.51 -2.23 -23.44
N ALA B 493 14.60 -1.93 -24.73
CA ALA B 493 15.59 -0.96 -25.20
C ALA B 493 15.34 0.40 -24.55
N GLN B 494 14.08 0.83 -24.56
CA GLN B 494 13.74 2.09 -23.92
C GLN B 494 14.07 2.09 -22.43
N LEU B 495 13.74 0.97 -21.77
CA LEU B 495 13.94 0.88 -20.32
C LEU B 495 15.41 1.05 -19.98
N ASN B 496 16.26 0.26 -20.64
CA ASN B 496 17.68 0.34 -20.42
C ASN B 496 18.25 1.76 -20.69
N ALA B 497 17.87 2.37 -21.81
CA ALA B 497 18.34 3.75 -22.07
C ALA B 497 17.93 4.73 -20.92
N LEU B 498 16.70 4.58 -20.46
CA LEU B 498 16.16 5.43 -19.38
C LEU B 498 16.94 5.23 -18.09
N LEU B 499 17.23 3.98 -17.73
CA LEU B 499 17.97 3.71 -16.51
C LEU B 499 19.36 4.33 -16.53
N ALA B 500 19.99 4.31 -17.70
CA ALA B 500 21.32 4.90 -17.80
C ALA B 500 21.27 6.40 -17.50
N LEU B 501 20.31 7.10 -18.09
CA LEU B 501 20.22 8.55 -17.88
C LEU B 501 19.80 8.83 -16.45
N LYS B 502 18.88 8.01 -15.95
CA LYS B 502 18.38 8.22 -14.60
C LYS B 502 19.48 8.10 -13.57
N ILE B 503 20.39 7.15 -13.79
CA ILE B 503 21.53 6.98 -12.90
C ILE B 503 22.46 8.17 -13.02
N SER B 504 22.81 8.55 -14.25
CA SER B 504 23.66 9.72 -14.48
C SER B 504 23.17 10.96 -13.68
N ILE B 505 21.88 11.24 -13.80
CA ILE B 505 21.29 12.41 -13.14
C ILE B 505 21.23 12.26 -11.59
N THR B 506 20.72 11.14 -11.12
CA THR B 506 20.53 10.91 -9.68
C THR B 506 21.87 10.96 -8.95
N SER B 507 22.87 10.28 -9.48
CA SER B 507 24.19 10.31 -8.87
CA SER B 507 24.22 10.33 -8.91
C SER B 507 24.82 11.71 -9.09
N GLY B 508 24.62 12.29 -10.26
CA GLY B 508 25.17 13.61 -10.61
C GLY B 508 24.67 14.67 -9.66
N ILE B 509 23.39 14.62 -9.28
CA ILE B 509 22.90 15.62 -8.35
C ILE B 509 23.46 15.42 -6.93
N GLN B 510 23.62 14.18 -6.49
CA GLN B 510 24.25 13.94 -5.18
C GLN B 510 25.65 14.55 -5.17
N LYS B 511 26.41 14.30 -6.24
CA LYS B 511 27.81 14.81 -6.35
C LYS B 511 27.89 16.34 -6.41
N ALA B 512 27.10 16.93 -7.30
CA ALA B 512 27.15 18.38 -7.50
C ALA B 512 26.60 19.15 -6.30
N TYR B 513 25.63 18.56 -5.59
CA TYR B 513 25.13 19.20 -4.38
C TYR B 513 26.21 19.17 -3.31
N ARG B 514 26.85 18.01 -3.16
CA ARG B 514 27.92 17.86 -2.19
C ARG B 514 29.08 18.82 -2.43
N ASN B 515 29.45 19.04 -3.69
CA ASN B 515 30.62 19.88 -4.00
C ASN B 515 30.23 21.34 -4.28
N GLY B 516 28.94 21.65 -4.07
CA GLY B 516 28.45 23.01 -4.17
C GLY B 516 28.48 23.56 -5.58
N ASP B 517 28.45 22.68 -6.58
CA ASP B 517 28.57 23.10 -7.97
C ASP B 517 27.19 23.46 -8.55
N LYS B 518 26.70 24.65 -8.20
CA LYS B 518 25.38 25.11 -8.69
C LYS B 518 25.32 25.25 -10.20
N GLU B 519 26.46 25.53 -10.84
CA GLU B 519 26.48 25.61 -12.30
C GLU B 519 26.10 24.29 -12.92
N HIS B 520 26.73 23.21 -12.44
CA HIS B 520 26.40 21.90 -12.97
C HIS B 520 25.00 21.46 -12.57
N LEU B 521 24.59 21.77 -11.34
CA LEU B 521 23.21 21.45 -10.94
C LEU B 521 22.23 22.14 -11.87
N SER B 522 22.54 23.36 -12.30
CA SER B 522 21.68 24.08 -13.24
C SER B 522 21.67 23.42 -14.62
N ALA B 523 22.82 22.96 -15.07
CA ALA B 523 22.90 22.25 -16.34
C ALA B 523 22.02 21.01 -16.31
N LEU B 524 22.12 20.24 -15.22
CA LEU B 524 21.26 19.07 -15.05
C LEU B 524 19.81 19.43 -15.03
N ALA B 525 19.45 20.40 -14.19
CA ALA B 525 18.08 20.86 -14.10
C ALA B 525 17.52 21.32 -15.44
N GLU B 526 18.29 22.06 -16.21
CA GLU B 526 17.76 22.66 -17.44
C GLU B 526 17.85 21.78 -18.69
N LYS B 527 18.81 20.86 -18.74
CA LYS B 527 18.99 20.01 -19.93
C LYS B 527 18.56 18.56 -19.67
N ASP B 528 19.14 17.94 -18.66
CA ASP B 528 18.93 16.52 -18.47
C ASP B 528 17.56 16.17 -17.91
N PHE B 529 17.02 17.01 -17.02
CA PHE B 529 15.74 16.68 -16.40
C PHE B 529 14.62 16.61 -17.43
N PRO B 530 14.47 17.64 -18.28
CA PRO B 530 13.44 17.52 -19.33
C PRO B 530 13.63 16.28 -20.22
N GLN B 531 14.88 15.92 -20.50
CA GLN B 531 15.18 14.70 -21.24
C GLN B 531 14.69 13.44 -20.49
N LEU B 532 15.00 13.35 -19.20
CA LEU B 532 14.56 12.19 -18.42
C LEU B 532 13.02 12.12 -18.36
N TYR B 533 12.39 13.25 -18.12
CA TYR B 533 10.94 13.30 -18.04
C TYR B 533 10.31 12.78 -19.35
N GLN B 534 10.80 13.28 -20.47
CA GLN B 534 10.34 12.83 -21.79
C GLN B 534 10.57 11.33 -21.99
N MET B 535 11.72 10.82 -21.54
CA MET B 535 12.02 9.39 -21.68
CA MET B 535 12.01 9.40 -21.72
C MET B 535 11.05 8.55 -20.88
N VAL B 536 10.68 9.04 -19.69
CA VAL B 536 9.72 8.32 -18.86
C VAL B 536 8.34 8.37 -19.54
N GLU B 537 7.97 9.53 -20.06
CA GLU B 537 6.69 9.62 -20.80
C GLU B 537 6.67 8.64 -21.98
N ASP B 538 7.71 8.66 -22.79
CA ASP B 538 7.82 7.76 -23.95
C ASP B 538 7.81 6.29 -23.53
N PHE B 539 8.49 5.97 -22.42
CA PHE B 539 8.53 4.60 -21.94
C PHE B 539 7.12 4.18 -21.48
N SER B 540 6.41 5.10 -20.83
CA SER B 540 5.04 4.81 -20.42
C SER B 540 4.16 4.50 -21.64
N ASP B 541 4.35 5.27 -22.72
CA ASP B 541 3.59 5.06 -23.94
C ASP B 541 3.91 3.70 -24.58
N GLN B 542 5.19 3.35 -24.62
CA GLN B 542 5.60 2.04 -25.18
C GLN B 542 5.12 0.88 -24.30
N PHE B 543 5.28 1.04 -23.00
CA PHE B 543 4.78 0.00 -22.08
C PHE B 543 3.28 -0.18 -22.26
N SER B 544 2.55 0.92 -22.40
CA SER B 544 1.11 0.83 -22.57
C SER B 544 0.72 0.11 -23.85
N ARG B 545 1.51 0.25 -24.91
CA ARG B 545 1.26 -0.49 -26.15
C ARG B 545 1.46 -1.99 -25.91
N GLN B 546 2.57 -2.32 -25.24
CA GLN B 546 2.87 -3.70 -24.87
C GLN B 546 1.71 -4.31 -24.05
N TRP B 547 1.27 -3.57 -23.02
CA TRP B 547 0.21 -4.03 -22.13
C TRP B 547 -1.06 -4.30 -22.90
N GLN B 548 -1.47 -3.35 -23.74
CA GLN B 548 -2.74 -3.50 -24.46
C GLN B 548 -2.71 -4.63 -25.50
N GLN B 549 -1.55 -4.95 -26.01
CA GLN B 549 -1.40 -6.07 -26.94
C GLN B 549 -1.66 -7.40 -26.22
N GLU B 550 -1.30 -7.45 -24.93
CA GLU B 550 -1.23 -8.73 -24.21
C GLU B 550 -2.34 -8.94 -23.20
N ASN B 551 -2.84 -7.86 -22.61
CA ASN B 551 -3.70 -7.93 -21.44
C ASN B 551 -5.00 -7.16 -21.63
N LYS B 552 -5.97 -7.45 -20.76
CA LYS B 552 -7.13 -6.57 -20.67
C LYS B 552 -6.70 -5.20 -20.13
N ILE B 553 -7.52 -4.18 -20.34
CA ILE B 553 -7.14 -2.83 -19.93
C ILE B 553 -7.08 -2.66 -18.38
N PHE B 554 -7.90 -3.41 -17.67
CA PHE B 554 -7.94 -3.34 -16.19
C PHE B 554 -6.58 -3.72 -15.61
N GLY B 555 -6.10 -2.93 -14.66
CA GLY B 555 -4.77 -3.14 -14.07
C GLY B 555 -3.70 -2.20 -14.57
N LEU B 556 -3.84 -1.73 -15.80
CA LEU B 556 -2.96 -0.69 -16.32
C LEU B 556 -2.99 0.53 -15.42
N ASP B 557 -4.16 0.79 -14.82
CA ASP B 557 -4.31 1.94 -13.94
C ASP B 557 -3.29 2.03 -12.83
N THR B 558 -2.94 0.91 -12.22
CA THR B 558 -1.89 0.95 -11.16
C THR B 558 -0.54 1.43 -11.74
N ILE B 559 -0.22 1.00 -12.95
CA ILE B 559 1.03 1.41 -13.56
C ILE B 559 0.96 2.89 -14.00
N ASP B 560 -0.21 3.35 -14.46
CA ASP B 560 -0.37 4.80 -14.68
C ASP B 560 -0.11 5.55 -13.38
N ILE B 561 -0.58 5.02 -12.24
CA ILE B 561 -0.39 5.70 -10.98
C ILE B 561 1.10 5.77 -10.66
N ARG B 562 1.78 4.63 -10.84
CA ARG B 562 3.20 4.55 -10.51
C ARG B 562 4.05 5.45 -11.42
N PHE B 563 3.80 5.38 -12.72
CA PHE B 563 4.52 6.26 -13.65
C PHE B 563 4.15 7.75 -13.43
N GLY B 564 2.87 8.04 -13.22
CA GLY B 564 2.47 9.42 -12.96
C GLY B 564 3.20 9.96 -11.72
N GLY B 565 3.27 9.13 -10.67
CA GLY B 565 3.98 9.53 -9.45
C GLY B 565 5.45 9.81 -9.72
N LEU B 566 6.08 8.94 -10.50
CA LEU B 566 7.50 9.12 -10.82
C LEU B 566 7.70 10.42 -11.60
N LEU B 567 6.86 10.65 -12.60
CA LEU B 567 6.94 11.88 -13.39
C LEU B 567 6.84 13.13 -12.46
N LYS B 568 5.85 13.12 -11.58
CA LYS B 568 5.68 14.25 -10.66
C LYS B 568 6.89 14.46 -9.73
N ARG B 569 7.50 13.35 -9.32
CA ARG B 569 8.68 13.40 -8.47
C ARG B 569 9.91 13.90 -9.24
N ILE B 570 9.98 13.58 -10.52
CA ILE B 570 11.06 14.08 -11.38
C ILE B 570 10.87 15.62 -11.48
N LYS B 571 9.63 16.06 -11.67
CA LYS B 571 9.33 17.47 -11.71
C LYS B 571 9.71 18.15 -10.41
N ARG B 572 9.39 17.51 -9.28
CA ARG B 572 9.72 18.09 -8.00
C ARG B 572 11.23 18.25 -7.84
N ALA B 573 11.97 17.25 -8.29
CA ALA B 573 13.42 17.30 -8.16
C ALA B 573 13.96 18.49 -8.96
N GLN B 574 13.46 18.69 -10.18
CA GLN B 574 13.87 19.84 -10.97
C GLN B 574 13.55 21.15 -10.23
N GLU B 575 12.33 21.28 -9.73
CA GLU B 575 11.88 22.49 -9.04
C GLU B 575 12.69 22.81 -7.79
N ARG B 576 12.99 21.79 -6.98
CA ARG B 576 13.72 22.00 -5.76
C ARG B 576 15.14 22.43 -6.08
N LEU B 577 15.77 21.80 -7.08
CA LEU B 577 17.10 22.21 -7.50
C LEU B 577 17.05 23.64 -8.04
N GLU B 578 16.03 23.98 -8.84
CA GLU B 578 15.94 25.33 -9.40
C GLU B 578 15.81 26.41 -8.32
N GLN B 579 15.10 26.09 -7.25
CA GLN B 579 14.91 27.04 -6.17
C GLN B 579 16.22 27.24 -5.42
N PHE B 580 16.97 26.16 -5.25
CA PHE B 580 18.30 26.25 -4.65
C PHE B 580 19.24 27.07 -5.53
N ILE B 581 19.30 26.74 -6.81
CA ILE B 581 20.20 27.43 -7.76
C ILE B 581 19.89 28.93 -7.84
N SER B 582 18.61 29.28 -7.82
CA SER B 582 18.19 30.67 -7.95
C SER B 582 18.25 31.45 -6.65
N GLY B 583 18.59 30.77 -5.55
CA GLY B 583 18.73 31.40 -4.25
C GLY B 583 17.44 31.55 -3.47
N GLN B 584 16.36 30.94 -3.94
CA GLN B 584 15.08 31.03 -3.23
C GLN B 584 15.05 30.17 -1.96
N ILE B 585 15.87 29.11 -1.93
CA ILE B 585 16.07 28.32 -0.72
C ILE B 585 17.57 28.15 -0.52
N ASP B 586 17.97 27.99 0.74
CA ASP B 586 19.38 27.97 1.10
C ASP B 586 19.95 26.55 1.18
N CYS B 587 19.07 25.56 1.11
CA CYS B 587 19.52 24.18 1.13
C CYS B 587 18.41 23.33 0.54
N VAL B 588 18.78 22.11 0.13
CA VAL B 588 17.81 21.11 -0.29
C VAL B 588 17.92 19.99 0.74
N GLU B 589 17.06 19.98 1.74
CA GLU B 589 17.23 19.06 2.87
C GLU B 589 17.27 17.60 2.44
N GLU B 590 16.51 17.25 1.40
CA GLU B 590 16.52 15.89 0.90
C GLU B 590 17.95 15.39 0.66
N LEU B 591 18.73 16.25 0.02
CA LEU B 591 20.09 15.91 -0.43
C LEU B 591 21.12 15.97 0.70
N GLU B 592 20.70 16.41 1.88
CA GLU B 592 21.56 16.45 3.06
C GLU B 592 21.45 15.16 3.88
N GLN B 593 20.53 14.27 3.51
CA GLN B 593 20.35 13.04 4.27
C GLN B 593 21.37 12.00 3.82
N GLU B 594 22.00 11.36 4.79
CA GLU B 594 22.85 10.20 4.48
C GLU B 594 22.02 9.05 3.93
N ILE B 595 22.42 8.52 2.78
CA ILE B 595 21.71 7.38 2.20
C ILE B 595 22.30 6.10 2.77
N LEU B 596 21.42 5.24 3.25
CA LEU B 596 21.76 3.95 3.86
C LEU B 596 21.51 2.80 2.91
N PRO B 597 22.10 1.62 3.18
CA PRO B 597 21.66 0.44 2.46
C PRO B 597 20.14 0.27 2.58
N PHE B 598 19.51 -0.11 1.48
CA PHE B 598 18.06 -0.35 1.44
C PHE B 598 17.66 -1.62 2.18
N ASN B 599 18.44 -2.68 2.01
CA ASN B 599 18.23 -3.88 2.76
C ASN B 599 19.58 -4.56 2.92
N ASP B 600 19.61 -5.66 3.66
CA ASP B 600 20.84 -6.45 3.80
C ASP B 600 20.69 -7.88 3.25
N PHE B 601 19.71 -8.09 2.37
CA PHE B 601 19.39 -9.41 1.83
C PHE B 601 20.60 -10.14 1.25
N TYR B 602 21.48 -9.41 0.56
CA TYR B 602 22.68 -10.01 -0.06
C TYR B 602 23.97 -9.45 0.49
N LYS B 603 23.90 -8.85 1.68
CA LYS B 603 25.08 -8.33 2.37
C LYS B 603 26.13 -9.43 2.63
N ASP B 604 25.67 -10.61 3.01
CA ASP B 604 26.58 -11.72 3.32
C ASP B 604 27.36 -12.19 2.09
N GLN B 605 26.81 -11.93 0.91
CA GLN B 605 27.50 -12.22 -0.36
C GLN B 605 28.39 -11.09 -0.85
N GLY B 606 28.49 -10.00 -0.08
CA GLY B 606 29.34 -8.86 -0.46
C GLY B 606 28.89 -8.13 -1.71
N LEU B 607 27.58 -8.14 -1.95
CA LEU B 607 27.04 -7.69 -3.23
C LEU B 607 26.63 -6.23 -3.13
N THR B 608 26.79 -5.48 -4.22
CA THR B 608 26.29 -4.09 -4.26
C THR B 608 24.79 -4.07 -4.63
N ALA B 609 24.41 -4.72 -5.72
CA ALA B 609 22.99 -4.83 -6.08
C ALA B 609 22.24 -5.60 -5.04
N THR B 610 20.91 -5.57 -5.15
CA THR B 610 20.08 -6.35 -4.23
C THR B 610 18.77 -6.74 -4.91
N THR B 611 17.81 -7.23 -4.12
CA THR B 611 16.45 -7.48 -4.60
C THR B 611 15.55 -6.50 -3.87
N ALA B 612 14.67 -5.84 -4.62
CA ALA B 612 13.71 -4.93 -4.01
C ALA B 612 12.51 -4.95 -4.93
N ASN B 613 11.41 -5.56 -4.48
CA ASN B 613 10.34 -5.86 -5.42
C ASN B 613 8.98 -5.48 -4.92
N GLN B 614 8.92 -4.45 -4.07
CA GLN B 614 7.60 -3.82 -3.77
C GLN B 614 7.70 -2.34 -4.10
N TRP B 615 6.90 -1.94 -5.08
CA TRP B 615 6.93 -0.58 -5.59
C TRP B 615 6.83 0.44 -4.45
N HIS B 616 5.86 0.26 -3.55
CA HIS B 616 5.59 1.29 -2.56
C HIS B 616 6.76 1.53 -1.61
N LEU B 617 7.62 0.52 -1.48
CA LEU B 617 8.81 0.61 -0.61
C LEU B 617 10.02 1.11 -1.38
N ILE B 618 10.06 0.88 -2.70
CA ILE B 618 11.14 1.45 -3.51
C ILE B 618 10.98 2.97 -3.65
N ALA B 619 9.74 3.41 -3.88
CA ALA B 619 9.41 4.77 -4.29
C ALA B 619 9.45 5.87 -3.23
N THR B 620 9.25 5.50 -1.97
CA THR B 620 9.23 6.47 -0.89
C THR B 620 9.47 5.82 0.46
N ALA B 621 10.08 6.59 1.36
CA ALA B 621 10.26 6.18 2.75
C ALA B 621 9.10 6.64 3.58
N SER B 622 8.25 7.48 3.00
CA SER B 622 7.07 7.94 3.69
C SER B 622 6.03 6.83 3.83
N THR B 623 4.98 7.12 4.58
CA THR B 623 3.80 6.24 4.55
C THR B 623 3.04 6.51 3.27
N ILE B 624 2.43 5.47 2.70
CA ILE B 624 1.59 5.64 1.54
C ILE B 624 0.34 4.75 1.49
N TYR B 625 0.38 3.56 2.10
CA TYR B 625 -0.84 2.72 2.18
C TYR B 625 -1.39 2.61 3.63
N THR B 626 -0.58 2.93 4.63
CA THR B 626 -0.98 2.78 6.02
C THR B 626 -1.72 4.04 6.50
N THR B 627 -2.55 3.84 7.52
CA THR B 627 -3.25 4.92 8.21
C THR B 627 -2.31 5.63 9.18
#